data_7AQA
#
_entry.id   7AQA
#
_cell.length_a   68.824
_cell.length_b   76.834
_cell.length_c   108.513
_cell.angle_alpha   90.000
_cell.angle_beta   93.470
_cell.angle_gamma   90.000
#
_symmetry.space_group_name_H-M   'P 1 21 1'
#
loop_
_entity.id
_entity.type
_entity.pdbx_description
1 polymer 'Nitrous-oxide reductase'
2 non-polymer sulfanyl-(tricuprio-$l^{4}-sulfanyl)copper
3 non-polymer 2-[3-(2-HYDROXY-1,1-DIHYDROXYMETHYL-ETHYLAMINO)-PROPYLAMINO]-2-HYDROXYMETHYL-PROPANE-1,3-DIOL
4 non-polymer 'SODIUM ION'
5 non-polymer 'CALCIUM ION'
6 non-polymer 'POTASSIUM ION'
7 non-polymer 'CHLORIDE ION'
8 non-polymer 'DINUCLEAR COPPER ION'
9 non-polymer PHENYLALANINE
10 non-polymer (dicuprio-$l^{3}-sulfanyl)-sulfanyl-copper
11 non-polymer 'FORMIC ACID'
12 water water
#
_entity_poly.entity_id   1
_entity_poly.type   'polypeptide(L)'
_entity_poly.pdbx_seq_one_letter_code
;MSDKDSKNTPQVPEKLGLSRRGFLGASAVTGAAVAATALGGAVMTRESWAQAVKESKQKIHVGPGELDDYYGFWSGGHQG
EVRVLGVPSMRELMRIPVFNVDSATGWGLTNESRHIMGDSAKFLNGDCHHPHISMTDGKYDGKYLFINDKANSRVARIRL
DIMKCDKMITVPNVQAIHGLRLQKVPHTKYVFANAEFIIPHPNDGKVFDLQDENSYTMYNAIDAETMEMAFQVIVDGNLD
NTDADYTGRFAAATCYNSEKAFDLGGMMRNERDWVVVFDIHAVEAAVKAGDFITLGDSKTPVLDGRKKDGKDSKFTRYVP
VPKNPHGCNTSSDGKYFIAAGKLSPTCSMIAIDKLPDLFAGKLADPRDVIVGEPELGLGPLATTFDGRGNAYTTLFIDSQ
VVKWNMEEAVRAYKGEKVNYIKQKLDVHYQPGHLHASLCETNEADGKWLVALSKFSKDRFLPVGPLHPENDQLIDISGDE
MKLVHDGPTFAEPHDCIMARRDQIKTKKIWDRNDPFFAPTVEMAKKDGINLDTDNKVIRDGNKVRVYMTSMAPAFGVQEF
TVKQGDEVTVTITNIDQIEDVSHGFVVVNHGVSMEISPQQTSSITFVADKPGLHWYYCSWFCHALHMEMVGRMMVEPAWS
HPQFEK
;
_entity_poly.pdbx_strand_id   A,B
#
loop_
_chem_comp.id
_chem_comp.type
_chem_comp.name
_chem_comp.formula
B3P non-polymer 2-[3-(2-HYDROXY-1,1-DIHYDROXYMETHYL-ETHYLAMINO)-PROPYLAMINO]-2-HYDROXYMETHYL-PROPANE-1,3-DIOL 'C11 H26 N2 O6'
CA non-polymer 'CALCIUM ION' 'Ca 2'
CL non-polymer 'CHLORIDE ION' 'Cl -1'
CUA non-polymer 'DINUCLEAR COPPER ION' Cu2
FMT non-polymer 'FORMIC ACID' 'C H2 O2'
K non-polymer 'POTASSIUM ION' 'K 1'
K7E non-polymer sulfanyl-(tricuprio-$l^{4}-sulfanyl)copper 'Cu4 H S2'
NA non-polymer 'SODIUM ION' 'Na 1'
RUQ non-polymer (dicuprio-$l^{3}-sulfanyl)-sulfanyl-copper 'Cu3 H S2 1'
#
# COMPACT_ATOMS: atom_id res chain seq x y z
N LYS A 54 22.09 -11.72 30.31
CA LYS A 54 22.95 -10.70 30.92
C LYS A 54 23.50 -9.72 29.89
N GLU A 55 24.19 -10.24 28.87
CA GLU A 55 24.55 -9.44 27.72
C GLU A 55 23.46 -9.54 26.65
N SER A 56 23.24 -8.43 25.93
CA SER A 56 22.27 -8.36 24.83
C SER A 56 23.01 -8.66 23.53
N LYS A 57 22.89 -9.90 23.04
CA LYS A 57 23.73 -10.38 21.94
C LYS A 57 22.96 -11.24 20.94
N GLN A 58 21.65 -11.04 20.82
CA GLN A 58 20.86 -11.80 19.87
C GLN A 58 21.26 -11.45 18.44
N LYS A 59 21.18 -12.45 17.57
CA LYS A 59 21.50 -12.21 16.16
C LYS A 59 20.31 -11.61 15.44
N ILE A 60 20.60 -10.69 14.52
CA ILE A 60 19.57 -9.96 13.79
C ILE A 60 19.50 -10.33 12.31
N HIS A 61 20.55 -10.94 11.76
CA HIS A 61 20.59 -11.27 10.35
C HIS A 61 19.77 -12.52 10.09
N VAL A 62 18.82 -12.44 9.15
CA VAL A 62 18.11 -13.62 8.66
C VAL A 62 18.52 -13.82 7.20
N GLY A 63 19.42 -14.77 6.96
CA GLY A 63 20.00 -14.97 5.66
C GLY A 63 19.07 -15.71 4.73
N PRO A 64 19.44 -15.71 3.45
CA PRO A 64 18.64 -16.42 2.45
C PRO A 64 18.45 -17.87 2.84
N GLY A 65 17.19 -18.31 2.83
CA GLY A 65 16.86 -19.66 3.24
C GLY A 65 16.55 -19.82 4.72
N GLU A 66 17.06 -18.94 5.57
CA GLU A 66 16.66 -18.93 6.98
C GLU A 66 15.32 -18.20 7.15
N LEU A 67 14.65 -18.46 8.28
CA LEU A 67 13.33 -17.89 8.57
C LEU A 67 13.37 -17.01 9.82
N ASP A 68 12.48 -16.02 9.84
CA ASP A 68 12.30 -15.17 11.01
C ASP A 68 11.76 -15.98 12.19
N ASP A 69 11.99 -15.45 13.40
CA ASP A 69 11.57 -16.09 14.65
C ASP A 69 10.20 -15.64 15.14
N TYR A 70 9.77 -14.43 14.80
CA TYR A 70 8.48 -13.89 15.21
C TYR A 70 7.76 -13.30 14.01
N TYR A 71 6.45 -13.27 14.11
CA TYR A 71 5.64 -12.45 13.22
C TYR A 71 5.50 -11.08 13.86
N GLY A 72 5.49 -10.05 13.04
CA GLY A 72 5.13 -8.72 13.48
C GLY A 72 3.91 -8.25 12.72
N PHE A 73 2.93 -7.68 13.42
CA PHE A 73 1.74 -7.12 12.75
C PHE A 73 1.75 -5.63 13.00
N TRP A 74 2.01 -4.88 11.94
CA TRP A 74 2.19 -3.43 12.01
C TRP A 74 0.87 -2.78 11.60
N SER A 75 0.46 -1.76 12.34
CA SER A 75 -0.62 -0.92 11.82
CA SER A 75 -0.61 -0.91 11.82
C SER A 75 -0.13 -0.20 10.55
N GLY A 76 -1.06 0.07 9.64
CA GLY A 76 -0.68 0.79 8.45
C GLY A 76 -0.87 2.29 8.54
N GLY A 77 -1.28 2.77 9.70
CA GLY A 77 -1.40 4.21 9.88
C GLY A 77 -2.52 4.76 9.03
N HIS A 78 -2.33 5.97 8.51
CA HIS A 78 -3.40 6.50 7.70
C HIS A 78 -3.41 5.96 6.30
N GLN A 79 -2.54 4.97 5.99
CA GLN A 79 -2.68 4.27 4.74
C GLN A 79 -3.76 3.19 4.80
N GLY A 80 -4.12 2.71 6.01
CA GLY A 80 -5.33 1.94 6.22
C GLY A 80 -5.23 0.42 6.21
N GLU A 81 -4.06 -0.18 5.90
CA GLU A 81 -3.91 -1.63 5.85
C GLU A 81 -3.25 -2.16 7.13
N VAL A 82 -3.07 -3.48 7.19
CA VAL A 82 -2.24 -4.11 8.21
C VAL A 82 -1.08 -4.76 7.48
N ARG A 83 0.09 -4.71 8.06
CA ARG A 83 1.29 -5.24 7.42
C ARG A 83 1.88 -6.33 8.28
N VAL A 84 2.24 -7.45 7.65
CA VAL A 84 2.87 -8.57 8.33
C VAL A 84 4.37 -8.52 8.06
N LEU A 85 5.16 -8.44 9.12
CA LEU A 85 6.61 -8.40 9.03
C LEU A 85 7.19 -9.66 9.67
N GLY A 86 8.39 -10.00 9.22
CA GLY A 86 9.21 -10.99 9.90
C GLY A 86 10.17 -10.29 10.86
N VAL A 87 10.30 -10.84 12.06
CA VAL A 87 11.17 -10.30 13.09
C VAL A 87 12.19 -11.39 13.43
N PRO A 88 13.50 -11.07 13.50
CA PRO A 88 14.15 -9.75 13.53
C PRO A 88 14.60 -9.14 12.19
N SER A 89 14.28 -9.77 11.05
CA SER A 89 14.74 -9.18 9.79
C SER A 89 14.05 -7.85 9.49
N MET A 90 12.85 -7.63 10.04
CA MET A 90 12.03 -6.44 9.84
C MET A 90 11.56 -6.27 8.39
N ARG A 91 11.50 -7.36 7.62
CA ARG A 91 11.03 -7.35 6.24
C ARG A 91 9.52 -7.55 6.20
N GLU A 92 8.87 -6.86 5.27
CA GLU A 92 7.42 -6.99 5.10
C GLU A 92 7.12 -8.22 4.24
N LEU A 93 6.44 -9.19 4.84
CA LEU A 93 6.06 -10.43 4.18
C LEU A 93 4.72 -10.33 3.46
N MET A 94 3.78 -9.51 3.95
CA MET A 94 2.44 -9.50 3.38
C MET A 94 1.79 -8.16 3.75
N ARG A 95 0.87 -7.72 2.90
CA ARG A 95 -0.02 -6.61 3.23
C ARG A 95 -1.44 -7.15 3.27
N ILE A 96 -2.19 -6.81 4.31
CA ILE A 96 -3.57 -7.25 4.47
C ILE A 96 -4.45 -6.02 4.29
N PRO A 97 -5.17 -5.87 3.18
CA PRO A 97 -6.02 -4.69 3.00
C PRO A 97 -7.13 -4.72 4.03
N VAL A 98 -7.48 -3.55 4.57
CA VAL A 98 -8.53 -3.45 5.59
C VAL A 98 -9.44 -2.27 5.26
N PHE A 99 -8.94 -1.04 5.48
CA PHE A 99 -9.73 0.16 5.20
C PHE A 99 -9.34 0.79 3.88
N ASN A 100 -8.23 0.37 3.31
CA ASN A 100 -7.77 0.85 2.01
C ASN A 100 -8.41 0.02 0.92
N VAL A 101 -8.41 0.57 -0.32
CA VAL A 101 -8.81 -0.22 -1.51
C VAL A 101 -7.54 -0.74 -2.16
N ASP A 102 -7.44 -2.08 -2.28
CA ASP A 102 -6.22 -2.72 -2.78
C ASP A 102 -6.43 -3.19 -4.22
N SER A 103 -5.78 -2.49 -5.15
CA SER A 103 -5.82 -2.84 -6.56
C SER A 103 -5.39 -4.29 -6.81
N ALA A 104 -4.44 -4.81 -6.03
CA ALA A 104 -3.88 -6.13 -6.34
C ALA A 104 -4.88 -7.23 -6.09
N THR A 105 -5.35 -7.35 -4.85
CA THR A 105 -6.30 -8.40 -4.51
C THR A 105 -7.76 -8.05 -4.83
N GLY A 106 -8.05 -6.77 -5.10
CA GLY A 106 -9.41 -6.33 -5.29
C GLY A 106 -10.21 -6.04 -4.04
N TRP A 107 -9.57 -6.02 -2.86
CA TRP A 107 -10.27 -5.64 -1.63
C TRP A 107 -10.81 -4.22 -1.80
N GLY A 108 -12.12 -4.07 -1.61
CA GLY A 108 -12.79 -2.82 -1.86
C GLY A 108 -13.48 -2.78 -3.19
N LEU A 109 -13.11 -3.67 -4.12
CA LEU A 109 -13.76 -3.86 -5.42
C LEU A 109 -14.59 -5.13 -5.50
N THR A 110 -14.12 -6.25 -4.94
CA THR A 110 -14.83 -7.53 -5.06
C THR A 110 -16.12 -7.51 -4.27
N ASN A 111 -17.02 -8.41 -4.62
CA ASN A 111 -18.26 -8.53 -3.86
C ASN A 111 -18.00 -9.07 -2.47
N GLU A 112 -17.03 -9.98 -2.31
CA GLU A 112 -16.77 -10.53 -0.98
C GLU A 112 -16.28 -9.45 -0.03
N SER A 113 -15.36 -8.60 -0.50
CA SER A 113 -14.83 -7.55 0.36
C SER A 113 -15.89 -6.50 0.67
N ARG A 114 -16.65 -6.05 -0.35
CA ARG A 114 -17.65 -5.00 -0.11
C ARG A 114 -18.76 -5.50 0.82
N HIS A 115 -19.04 -6.80 0.79
CA HIS A 115 -20.02 -7.38 1.72
C HIS A 115 -19.52 -7.25 3.17
N ILE A 116 -18.24 -7.54 3.38
CA ILE A 116 -17.65 -7.44 4.70
C ILE A 116 -17.63 -5.99 5.18
N MET A 117 -17.24 -5.07 4.31
CA MET A 117 -17.23 -3.66 4.64
C MET A 117 -18.63 -3.06 4.80
N GLY A 118 -19.68 -3.66 4.21
CA GLY A 118 -21.01 -3.09 4.35
C GLY A 118 -21.08 -1.72 3.69
N ASP A 119 -21.91 -0.87 4.29
CA ASP A 119 -22.11 0.48 3.75
C ASP A 119 -20.80 1.27 3.73
N SER A 120 -19.88 0.95 4.65
CA SER A 120 -18.60 1.66 4.68
C SER A 120 -17.70 1.35 3.48
N ALA A 121 -18.11 0.41 2.61
CA ALA A 121 -17.40 0.19 1.36
C ALA A 121 -17.33 1.44 0.50
N LYS A 122 -18.18 2.46 0.76
CA LYS A 122 -18.10 3.72 0.01
C LYS A 122 -16.86 4.54 0.34
N PHE A 123 -16.19 4.28 1.47
CA PHE A 123 -15.01 5.03 1.88
C PHE A 123 -13.76 4.34 1.33
N LEU A 124 -12.82 5.14 0.83
CA LEU A 124 -11.56 4.62 0.30
C LEU A 124 -10.39 4.80 1.27
N ASN A 125 -10.65 5.24 2.50
CA ASN A 125 -9.59 5.60 3.42
C ASN A 125 -9.86 5.02 4.80
N GLY A 126 -8.79 4.95 5.60
CA GLY A 126 -8.90 4.58 6.99
C GLY A 126 -7.68 5.14 7.67
N ASP A 127 -7.65 5.01 8.99
CA ASP A 127 -6.53 5.54 9.78
C ASP A 127 -6.40 4.59 10.98
N CYS A 128 -5.45 3.65 10.91
CA CYS A 128 -5.38 2.60 11.92
C CYS A 128 -4.11 2.72 12.76
N HIS A 129 -4.25 2.44 14.05
CA HIS A 129 -3.16 2.69 15.02
C HIS A 129 -2.79 1.49 15.89
N HIS A 130 -3.75 0.63 16.20
CA HIS A 130 -3.61 -0.26 17.34
C HIS A 130 -3.98 -1.69 16.99
N PRO A 131 -3.04 -2.49 16.52
CA PRO A 131 -3.34 -3.88 16.19
C PRO A 131 -3.15 -4.78 17.41
N HIS A 132 -4.12 -5.67 17.69
CA HIS A 132 -4.01 -6.55 18.85
C HIS A 132 -4.49 -7.95 18.51
N ILE A 133 -3.85 -8.95 19.14
CA ILE A 133 -4.11 -10.37 18.89
C ILE A 133 -4.95 -10.94 20.02
N SER A 134 -5.97 -11.71 19.66
CA SER A 134 -6.86 -12.32 20.64
C SER A 134 -6.12 -13.24 21.61
N MET A 135 -6.65 -13.32 22.81
CA MET A 135 -6.00 -14.03 23.89
C MET A 135 -6.92 -15.06 24.54
N THR A 136 -6.31 -16.13 25.04
CA THR A 136 -6.95 -17.09 25.92
C THR A 136 -6.06 -17.26 27.13
N ASP A 137 -6.64 -17.08 28.31
CA ASP A 137 -5.90 -17.21 29.57
CA ASP A 137 -5.90 -17.20 29.57
C ASP A 137 -4.67 -16.30 29.59
N GLY A 138 -4.83 -15.08 29.08
CA GLY A 138 -3.73 -14.13 29.13
C GLY A 138 -2.56 -14.44 28.21
N LYS A 139 -2.74 -15.28 27.20
CA LYS A 139 -1.69 -15.58 26.23
C LYS A 139 -2.30 -15.48 24.84
N TYR A 140 -1.49 -15.13 23.82
CA TYR A 140 -2.04 -15.05 22.48
C TYR A 140 -2.53 -16.42 22.03
N ASP A 141 -3.71 -16.46 21.41
CA ASP A 141 -4.21 -17.72 20.85
C ASP A 141 -4.13 -17.78 19.34
N GLY A 142 -3.66 -16.73 18.67
CA GLY A 142 -3.44 -16.78 17.24
C GLY A 142 -4.69 -16.77 16.39
N LYS A 143 -5.87 -16.56 16.98
CA LYS A 143 -7.10 -16.66 16.22
C LYS A 143 -7.35 -15.40 15.40
N TYR A 144 -7.39 -14.25 16.06
CA TYR A 144 -7.82 -13.00 15.42
C TYR A 144 -6.86 -11.87 15.73
N LEU A 145 -6.80 -10.90 14.82
CA LEU A 145 -6.19 -9.59 15.04
C LEU A 145 -7.28 -8.53 14.87
N PHE A 146 -7.33 -7.56 15.78
CA PHE A 146 -8.29 -6.47 15.69
C PHE A 146 -7.54 -5.16 15.53
N ILE A 147 -8.19 -4.20 14.88
CA ILE A 147 -7.58 -2.88 14.65
C ILE A 147 -8.70 -1.84 14.52
N ASN A 148 -8.34 -0.59 14.83
CA ASN A 148 -9.26 0.54 14.83
C ASN A 148 -9.16 1.28 13.50
N ASP A 149 -10.19 2.10 13.22
CA ASP A 149 -10.17 3.09 12.14
C ASP A 149 -10.64 4.40 12.75
N LYS A 150 -9.70 5.32 12.97
CA LYS A 150 -10.04 6.64 13.50
C LYS A 150 -10.77 7.50 12.46
N ALA A 151 -10.50 7.30 11.17
CA ALA A 151 -11.05 8.19 10.15
C ALA A 151 -12.54 7.97 9.95
N ASN A 152 -12.97 6.72 9.86
CA ASN A 152 -14.38 6.43 9.64
C ASN A 152 -15.04 5.60 10.74
N SER A 153 -14.46 5.56 11.94
CA SER A 153 -15.11 5.07 13.16
C SER A 153 -15.46 3.60 13.09
N ARG A 154 -14.46 2.78 12.78
CA ARG A 154 -14.70 1.36 12.60
C ARG A 154 -13.76 0.55 13.46
N VAL A 155 -14.13 -0.72 13.63
CA VAL A 155 -13.23 -1.76 14.10
C VAL A 155 -13.25 -2.88 13.06
N ALA A 156 -12.08 -3.44 12.77
CA ALA A 156 -11.98 -4.56 11.84
C ALA A 156 -11.37 -5.78 12.53
N ARG A 157 -11.77 -6.96 12.08
CA ARG A 157 -11.20 -8.20 12.54
C ARG A 157 -10.50 -8.89 11.38
N ILE A 158 -9.28 -9.35 11.62
CA ILE A 158 -8.52 -10.14 10.66
C ILE A 158 -8.41 -11.56 11.18
N ARG A 159 -8.69 -12.54 10.31
CA ARG A 159 -8.52 -13.94 10.67
C ARG A 159 -7.07 -14.31 10.37
N LEU A 160 -6.33 -14.71 11.40
CA LEU A 160 -4.90 -14.97 11.21
C LEU A 160 -4.61 -16.29 10.47
N ASP A 161 -5.59 -17.15 10.24
CA ASP A 161 -5.30 -18.36 9.46
C ASP A 161 -5.27 -18.06 7.96
N ILE A 162 -6.08 -17.11 7.49
CA ILE A 162 -6.07 -16.72 6.08
C ILE A 162 -5.41 -15.38 5.83
N MET A 163 -5.07 -14.62 6.88
CA MET A 163 -4.47 -13.30 6.75
C MET A 163 -5.32 -12.35 5.88
N LYS A 164 -6.62 -12.30 6.21
CA LYS A 164 -7.57 -11.41 5.54
C LYS A 164 -8.50 -10.81 6.58
N CYS A 165 -8.98 -9.60 6.30
CA CYS A 165 -10.03 -9.02 7.13
C CYS A 165 -11.32 -9.78 6.86
N ASP A 166 -11.95 -10.34 7.89
CA ASP A 166 -13.17 -11.11 7.68
C ASP A 166 -14.44 -10.50 8.27
N LYS A 167 -14.32 -9.46 9.11
CA LYS A 167 -15.45 -8.76 9.69
C LYS A 167 -15.06 -7.29 9.89
N MET A 168 -16.04 -6.40 9.77
CA MET A 168 -15.84 -4.98 10.01
C MET A 168 -17.14 -4.40 10.57
N ILE A 169 -17.01 -3.45 11.50
CA ILE A 169 -18.20 -2.82 12.09
C ILE A 169 -17.94 -1.32 12.17
N THR A 170 -18.96 -0.53 11.82
CA THR A 170 -18.96 0.90 12.14
C THR A 170 -19.60 1.09 13.52
N VAL A 171 -18.85 1.66 14.46
CA VAL A 171 -19.38 1.80 15.83
C VAL A 171 -20.46 2.88 15.84
N PRO A 172 -21.65 2.60 16.32
CA PRO A 172 -22.75 3.56 16.17
C PRO A 172 -22.65 4.72 17.14
N ASN A 173 -23.16 5.88 16.70
CA ASN A 173 -23.35 7.03 17.57
C ASN A 173 -22.04 7.55 18.17
N VAL A 174 -20.91 7.41 17.46
CA VAL A 174 -19.62 7.93 17.93
C VAL A 174 -18.88 8.54 16.74
N GLN A 175 -17.82 9.30 17.06
CA GLN A 175 -16.84 9.73 16.06
C GLN A 175 -15.42 9.40 16.52
N ALA A 176 -14.69 8.67 15.68
CA ALA A 176 -13.25 8.45 15.68
C ALA A 176 -12.85 7.36 16.67
N ILE A 177 -12.73 6.13 16.18
CA ILE A 177 -12.33 5.01 17.02
C ILE A 177 -10.81 5.02 17.06
N HIS A 178 -10.25 5.30 18.23
CA HIS A 178 -8.81 5.44 18.35
C HIS A 178 -8.26 4.32 19.22
N GLY A 179 -8.14 4.52 20.53
CA GLY A 179 -7.68 3.47 21.42
C GLY A 179 -8.41 2.16 21.21
N LEU A 180 -7.68 1.04 21.25
CA LEU A 180 -8.31 -0.27 21.11
C LEU A 180 -7.41 -1.31 21.75
N ARG A 181 -7.98 -2.16 22.61
CA ARG A 181 -7.25 -3.31 23.16
C ARG A 181 -8.26 -4.38 23.54
N LEU A 182 -7.75 -5.57 23.86
CA LEU A 182 -8.57 -6.76 24.02
C LEU A 182 -8.62 -7.22 25.47
N GLN A 183 -9.79 -7.71 25.87
CA GLN A 183 -9.87 -8.50 27.10
C GLN A 183 -8.86 -9.63 27.05
N LYS A 184 -8.19 -9.88 28.19
CA LYS A 184 -7.14 -10.89 28.28
C LYS A 184 -7.61 -12.19 28.91
N VAL A 185 -8.53 -12.11 29.87
CA VAL A 185 -8.88 -13.21 30.76
C VAL A 185 -10.38 -13.16 30.97
N PRO A 186 -11.09 -14.30 30.93
CA PRO A 186 -10.56 -15.64 30.63
C PRO A 186 -10.15 -15.83 29.16
N HIS A 187 -10.58 -14.92 28.30
CA HIS A 187 -10.23 -14.91 26.88
C HIS A 187 -10.78 -13.60 26.30
N THR A 188 -10.51 -13.37 25.01
CA THR A 188 -10.96 -12.14 24.36
C THR A 188 -12.45 -12.28 24.04
N LYS A 189 -13.29 -12.03 25.07
CA LYS A 189 -14.72 -11.94 24.82
C LYS A 189 -15.07 -10.60 24.20
N TYR A 190 -14.48 -9.52 24.72
CA TYR A 190 -14.74 -8.18 24.21
C TYR A 190 -13.50 -7.56 23.59
N VAL A 191 -13.74 -6.85 22.49
CA VAL A 191 -12.83 -5.83 21.96
C VAL A 191 -13.25 -4.51 22.60
N PHE A 192 -12.31 -3.82 23.26
CA PHE A 192 -12.60 -2.53 23.86
C PHE A 192 -12.06 -1.43 22.95
N ALA A 193 -12.90 -0.45 22.64
CA ALA A 193 -12.52 0.61 21.73
C ALA A 193 -12.97 1.97 22.22
N ASN A 194 -12.06 2.95 22.14
CA ASN A 194 -12.35 4.33 22.53
C ASN A 194 -12.87 5.12 21.33
N ALA A 195 -13.96 5.87 21.54
CA ALA A 195 -14.33 6.95 20.63
C ALA A 195 -13.72 8.24 21.16
N GLU A 196 -12.91 8.91 20.34
CA GLU A 196 -12.09 9.99 20.85
C GLU A 196 -12.86 11.30 21.06
N PHE A 197 -13.80 11.64 20.18
CA PHE A 197 -14.31 13.00 20.09
C PHE A 197 -15.70 13.13 20.69
N ILE A 198 -15.89 14.13 21.56
CA ILE A 198 -17.20 14.44 22.15
C ILE A 198 -18.13 14.98 21.06
N ILE A 199 -19.34 14.44 20.99
CA ILE A 199 -20.32 14.89 19.98
C ILE A 199 -21.69 15.07 20.62
N PRO A 200 -22.58 15.82 19.98
CA PRO A 200 -23.95 15.95 20.50
C PRO A 200 -24.76 14.67 20.28
N HIS A 201 -25.71 14.45 21.19
CA HIS A 201 -26.63 13.31 21.09
C HIS A 201 -28.05 13.81 21.31
N PRO A 202 -28.91 13.81 20.27
CA PRO A 202 -28.54 13.38 18.92
C PRO A 202 -27.67 14.44 18.23
N ASN A 203 -26.95 14.01 17.20
CA ASN A 203 -26.13 14.88 16.39
C ASN A 203 -26.89 15.32 15.14
N ASP A 204 -28.00 15.98 15.37
CA ASP A 204 -28.93 16.32 14.30
C ASP A 204 -28.83 17.77 13.83
N GLY A 205 -27.85 18.53 14.34
CA GLY A 205 -27.69 19.89 13.89
C GLY A 205 -28.44 20.94 14.68
N LYS A 206 -29.13 20.57 15.76
CA LYS A 206 -29.75 21.61 16.57
C LYS A 206 -28.79 22.15 17.64
N VAL A 207 -27.95 21.29 18.20
CA VAL A 207 -27.02 21.66 19.26
C VAL A 207 -25.61 21.30 18.81
N PHE A 208 -24.68 22.26 18.94
CA PHE A 208 -23.28 22.01 18.62
C PHE A 208 -22.36 22.11 19.83
N ASP A 209 -22.84 22.67 20.94
CA ASP A 209 -22.05 22.90 22.14
C ASP A 209 -21.51 21.59 22.73
N LEU A 210 -20.18 21.48 22.86
CA LEU A 210 -19.58 20.35 23.55
C LEU A 210 -19.88 20.33 25.05
N GLN A 211 -20.30 21.48 25.61
CA GLN A 211 -20.64 21.56 27.01
C GLN A 211 -22.08 21.16 27.31
N ASP A 212 -22.88 20.89 26.27
CA ASP A 212 -24.28 20.53 26.50
C ASP A 212 -24.36 19.24 27.30
N GLU A 213 -25.43 19.09 28.10
CA GLU A 213 -25.54 17.89 28.91
C GLU A 213 -25.65 16.63 28.07
N ASN A 214 -26.05 16.74 26.80
CA ASN A 214 -26.14 15.55 25.96
C ASN A 214 -25.00 15.44 24.96
N SER A 215 -23.91 16.18 25.18
CA SER A 215 -22.71 16.06 24.38
C SER A 215 -21.69 15.25 25.18
N TYR A 216 -21.20 14.18 24.59
CA TYR A 216 -20.31 13.26 25.30
C TYR A 216 -19.74 12.29 24.28
N THR A 217 -18.78 11.48 24.72
CA THR A 217 -18.34 10.32 23.96
C THR A 217 -18.53 9.07 24.82
N MET A 218 -18.23 7.91 24.23
CA MET A 218 -18.55 6.63 24.85
C MET A 218 -17.40 5.64 24.66
N TYR A 219 -17.24 4.79 25.67
CA TYR A 219 -16.40 3.61 25.60
C TYR A 219 -17.21 2.50 24.97
N ASN A 220 -16.58 1.72 24.10
CA ASN A 220 -17.28 0.74 23.27
C ASN A 220 -16.74 -0.66 23.52
N ALA A 221 -17.65 -1.62 23.66
CA ALA A 221 -17.28 -3.03 23.77
C ALA A 221 -17.93 -3.78 22.61
N ILE A 222 -17.12 -4.45 21.82
CA ILE A 222 -17.57 -5.26 20.69
C ILE A 222 -17.36 -6.71 21.05
N ASP A 223 -18.38 -7.55 20.81
CA ASP A 223 -18.25 -8.99 20.93
C ASP A 223 -17.23 -9.47 19.92
N ALA A 224 -16.11 -10.03 20.41
CA ALA A 224 -15.00 -10.37 19.52
C ALA A 224 -15.40 -11.43 18.50
N GLU A 225 -16.25 -12.38 18.91
CA GLU A 225 -16.55 -13.50 18.04
C GLU A 225 -17.64 -13.16 17.02
N THR A 226 -18.67 -12.43 17.42
CA THR A 226 -19.75 -12.09 16.50
C THR A 226 -19.49 -10.80 15.75
N MET A 227 -18.61 -9.94 16.26
CA MET A 227 -18.34 -8.61 15.68
C MET A 227 -19.61 -7.76 15.60
N GLU A 228 -20.47 -7.93 16.60
CA GLU A 228 -21.60 -7.06 16.86
C GLU A 228 -21.28 -6.30 18.15
N MET A 229 -21.90 -5.12 18.29
CA MET A 229 -21.72 -4.34 19.51
C MET A 229 -22.25 -5.12 20.70
N ALA A 230 -21.54 -4.99 21.83
CA ALA A 230 -21.99 -5.57 23.09
C ALA A 230 -22.59 -4.53 24.01
N PHE A 231 -21.89 -3.40 24.21
CA PHE A 231 -22.45 -2.32 25.00
C PHE A 231 -21.61 -1.06 24.80
N GLN A 232 -22.15 0.06 25.26
CA GLN A 232 -21.42 1.32 25.28
C GLN A 232 -21.61 1.98 26.63
N VAL A 233 -20.59 2.70 27.08
CA VAL A 233 -20.60 3.39 28.37
C VAL A 233 -20.29 4.87 28.11
N ILE A 234 -21.29 5.71 28.40
CA ILE A 234 -21.08 7.16 28.36
C ILE A 234 -20.08 7.53 29.43
N VAL A 235 -19.13 8.39 29.07
CA VAL A 235 -18.14 8.86 30.02
C VAL A 235 -18.12 10.38 30.00
N ASP A 236 -17.60 10.94 31.09
CA ASP A 236 -17.15 12.32 31.12
C ASP A 236 -15.86 12.46 30.32
N GLY A 237 -15.56 13.69 29.91
CA GLY A 237 -14.31 13.91 29.20
C GLY A 237 -14.30 13.18 27.86
N ASN A 238 -13.11 12.72 27.48
CA ASN A 238 -12.98 11.97 26.25
C ASN A 238 -12.18 10.69 26.52
N LEU A 239 -11.70 10.05 25.46
CA LEU A 239 -11.01 8.78 25.58
C LEU A 239 -9.83 8.80 24.62
N ASP A 240 -8.68 8.33 25.12
CA ASP A 240 -7.47 8.31 24.30
C ASP A 240 -7.09 6.86 24.05
N ASN A 241 -6.34 6.21 24.94
CA ASN A 241 -5.94 4.82 24.78
C ASN A 241 -6.56 3.95 25.87
N THR A 242 -6.49 2.62 25.70
CA THR A 242 -7.16 1.74 26.65
C THR A 242 -6.37 0.43 26.82
N ASP A 243 -6.58 -0.22 27.97
CA ASP A 243 -6.10 -1.59 28.18
C ASP A 243 -7.03 -2.28 29.17
N ALA A 244 -6.81 -3.58 29.35
CA ALA A 244 -7.61 -4.43 30.22
C ALA A 244 -6.72 -5.16 31.21
N ASP A 245 -7.34 -5.69 32.28
CA ASP A 245 -6.61 -6.38 33.33
C ASP A 245 -6.39 -7.86 32.97
N TYR A 246 -5.91 -8.65 33.94
CA TYR A 246 -5.78 -10.10 33.77
C TYR A 246 -6.85 -10.88 34.56
N THR A 247 -8.04 -10.28 34.78
CA THR A 247 -9.17 -11.05 35.33
C THR A 247 -10.44 -10.99 34.53
N GLY A 248 -10.63 -9.97 33.69
CA GLY A 248 -11.90 -9.76 33.02
C GLY A 248 -12.80 -8.76 33.71
N ARG A 249 -12.51 -8.40 34.96
CA ARG A 249 -13.38 -7.47 35.65
C ARG A 249 -13.15 -6.02 35.21
N PHE A 250 -11.90 -5.61 34.98
CA PHE A 250 -11.58 -4.21 34.84
C PHE A 250 -10.95 -3.88 33.50
N ALA A 251 -11.28 -2.70 32.99
CA ALA A 251 -10.60 -2.07 31.88
C ALA A 251 -10.39 -0.62 32.26
N ALA A 252 -9.52 0.06 31.50
CA ALA A 252 -9.16 1.42 31.87
C ALA A 252 -8.81 2.18 30.59
N ALA A 253 -9.05 3.49 30.61
CA ALA A 253 -8.74 4.32 29.47
C ALA A 253 -8.24 5.67 29.94
N THR A 254 -7.27 6.23 29.21
CA THR A 254 -6.83 7.58 29.52
C THR A 254 -7.80 8.57 28.91
N CYS A 255 -7.85 9.75 29.49
CA CYS A 255 -8.63 10.84 28.96
C CYS A 255 -7.74 12.07 28.95
N TYR A 256 -7.74 12.83 27.86
CA TYR A 256 -6.98 14.07 27.83
C TYR A 256 -7.85 15.29 27.78
N ASN A 257 -9.15 15.13 27.54
CA ASN A 257 -10.04 16.27 27.39
C ASN A 257 -11.09 16.26 28.50
N SER A 258 -10.65 16.09 29.75
CA SER A 258 -11.55 16.26 30.88
C SER A 258 -12.25 17.61 30.84
N GLU A 259 -11.67 18.59 30.14
CA GLU A 259 -12.23 19.93 30.05
C GLU A 259 -13.40 20.05 29.08
N LYS A 260 -13.60 19.05 28.23
CA LYS A 260 -14.61 19.10 27.17
C LYS A 260 -14.48 20.37 26.33
N ALA A 261 -13.23 20.77 26.05
CA ALA A 261 -12.95 21.93 25.22
C ALA A 261 -12.63 21.48 23.81
N PHE A 262 -12.68 22.43 22.87
CA PHE A 262 -12.26 22.16 21.50
C PHE A 262 -10.96 22.83 21.10
N ASP A 263 -10.50 23.82 21.86
CA ASP A 263 -9.28 24.54 21.57
C ASP A 263 -8.11 23.96 22.35
N LEU A 264 -6.90 24.20 21.83
CA LEU A 264 -5.67 23.65 22.41
C LEU A 264 -5.50 24.05 23.87
N GLY A 265 -5.58 25.35 24.16
CA GLY A 265 -5.41 25.80 25.53
C GLY A 265 -6.49 25.29 26.47
N GLY A 266 -7.74 25.25 26.00
CA GLY A 266 -8.80 24.66 26.81
C GLY A 266 -8.54 23.21 27.16
N MET A 267 -8.07 22.41 26.19
CA MET A 267 -7.81 20.99 26.42
C MET A 267 -6.63 20.73 27.36
N MET A 268 -5.81 21.75 27.63
CA MET A 268 -4.65 21.63 28.52
C MET A 268 -4.83 22.32 29.86
N ARG A 269 -6.06 22.79 30.17
CA ARG A 269 -6.26 23.62 31.37
C ARG A 269 -6.09 22.83 32.66
N ASN A 270 -6.71 21.65 32.76
CA ASN A 270 -6.66 20.91 34.01
C ASN A 270 -5.27 20.36 34.29
N GLU A 271 -4.77 20.62 35.51
CA GLU A 271 -3.52 20.03 35.95
C GLU A 271 -3.57 18.50 35.84
N ARG A 272 -4.74 17.91 36.06
CA ARG A 272 -4.90 16.47 35.92
C ARG A 272 -6.13 16.18 35.08
N ASP A 273 -6.00 15.27 34.12
CA ASP A 273 -7.17 14.66 33.56
C ASP A 273 -7.41 13.40 34.38
N TRP A 274 -7.58 12.26 33.73
CA TRP A 274 -7.77 11.05 34.46
C TRP A 274 -7.61 9.83 33.65
N VAL A 275 -7.64 8.70 34.32
CA VAL A 275 -7.79 7.42 33.74
C VAL A 275 -9.16 7.01 34.25
N VAL A 276 -10.09 6.65 33.38
CA VAL A 276 -11.38 6.14 33.80
C VAL A 276 -11.29 4.63 33.83
N VAL A 277 -11.65 4.05 34.94
CA VAL A 277 -11.63 2.61 35.11
C VAL A 277 -13.06 2.11 35.02
N PHE A 278 -13.27 1.00 34.29
CA PHE A 278 -14.58 0.41 34.07
C PHE A 278 -14.72 -0.89 34.85
N ASP A 279 -15.79 -0.99 35.63
CA ASP A 279 -16.15 -2.28 36.24
C ASP A 279 -17.03 -3.01 35.23
N ILE A 280 -16.37 -3.83 34.40
CA ILE A 280 -17.04 -4.57 33.35
C ILE A 280 -18.07 -5.54 33.93
N HIS A 281 -17.75 -6.17 35.07
CA HIS A 281 -18.75 -7.02 35.70
C HIS A 281 -20.03 -6.24 35.99
N ALA A 282 -19.90 -5.00 36.46
CA ALA A 282 -21.07 -4.22 36.80
C ALA A 282 -21.86 -3.81 35.56
N VAL A 283 -21.15 -3.47 34.48
CA VAL A 283 -21.81 -3.19 33.19
C VAL A 283 -22.58 -4.41 32.72
N GLU A 284 -21.91 -5.58 32.69
CA GLU A 284 -22.56 -6.82 32.27
C GLU A 284 -23.80 -7.13 33.12
N ALA A 285 -23.72 -6.91 34.44
CA ALA A 285 -24.87 -7.17 35.29
C ALA A 285 -26.04 -6.26 34.92
N ALA A 286 -25.76 -5.00 34.62
CA ALA A 286 -26.82 -4.06 34.27
C ALA A 286 -27.45 -4.42 32.93
N VAL A 287 -26.63 -4.83 31.96
CA VAL A 287 -27.17 -5.26 30.67
C VAL A 287 -28.06 -6.49 30.85
N LYS A 288 -27.59 -7.46 31.64
CA LYS A 288 -28.36 -8.67 31.87
C LYS A 288 -29.70 -8.40 32.54
N ALA A 289 -29.77 -7.37 33.40
CA ALA A 289 -30.99 -7.00 34.09
C ALA A 289 -31.86 -6.07 33.26
N GLY A 290 -31.41 -5.65 32.08
CA GLY A 290 -32.16 -4.72 31.26
C GLY A 290 -32.07 -3.28 31.69
N ASP A 291 -31.12 -2.91 32.55
CA ASP A 291 -30.98 -1.56 33.07
C ASP A 291 -30.10 -0.72 32.14
N PHE A 292 -30.66 -0.36 30.98
CA PHE A 292 -29.90 0.40 29.99
C PHE A 292 -30.87 1.19 29.12
N ILE A 293 -30.32 2.16 28.41
CA ILE A 293 -31.05 2.89 27.36
C ILE A 293 -30.43 2.57 26.00
N THR A 294 -31.08 3.02 24.93
CA THR A 294 -30.48 2.96 23.60
C THR A 294 -30.48 4.36 22.99
N LEU A 295 -29.62 4.56 22.00
CA LEU A 295 -29.43 5.84 21.34
C LEU A 295 -29.78 5.71 19.86
N GLY A 296 -30.57 6.66 19.35
CA GLY A 296 -30.82 6.66 17.92
C GLY A 296 -31.45 5.37 17.46
N ASP A 297 -31.02 4.88 16.31
CA ASP A 297 -31.59 3.66 15.76
C ASP A 297 -30.71 2.45 16.02
N SER A 298 -29.79 2.53 16.97
CA SER A 298 -28.93 1.42 17.35
C SER A 298 -29.52 0.71 18.56
N LYS A 299 -29.53 -0.63 18.50
CA LYS A 299 -30.03 -1.47 19.59
C LYS A 299 -28.99 -1.65 20.70
N THR A 300 -27.79 -1.11 20.54
CA THR A 300 -26.71 -1.35 21.49
C THR A 300 -27.10 -0.85 22.88
N PRO A 301 -26.98 -1.67 23.92
CA PRO A 301 -27.23 -1.20 25.29
C PRO A 301 -26.26 -0.09 25.66
N VAL A 302 -26.80 0.99 26.20
CA VAL A 302 -26.00 2.15 26.59
C VAL A 302 -26.12 2.37 28.10
N LEU A 303 -24.99 2.36 28.77
CA LEU A 303 -24.90 2.58 30.22
C LEU A 303 -24.27 3.95 30.47
N ASP A 304 -24.74 4.62 31.52
CA ASP A 304 -24.26 5.96 31.84
C ASP A 304 -23.16 5.88 32.90
N GLY A 305 -21.90 6.03 32.45
CA GLY A 305 -20.75 6.04 33.34
C GLY A 305 -20.26 7.42 33.73
N ARG A 306 -21.11 8.45 33.56
CA ARG A 306 -20.75 9.81 34.00
C ARG A 306 -20.97 9.99 35.50
N LYS A 307 -20.22 10.91 36.08
CA LYS A 307 -20.50 11.39 37.43
C LYS A 307 -21.67 12.37 37.39
N LYS A 308 -22.59 12.23 38.33
CA LYS A 308 -23.77 13.09 38.42
C LYS A 308 -23.76 13.79 39.76
N ASP A 309 -23.63 15.11 39.74
CA ASP A 309 -23.60 15.90 40.98
C ASP A 309 -22.57 15.35 41.95
N GLY A 310 -21.42 14.95 41.41
CA GLY A 310 -20.35 14.37 42.19
C GLY A 310 -20.54 12.93 42.63
N LYS A 311 -21.66 12.30 42.28
CA LYS A 311 -21.89 10.91 42.69
C LYS A 311 -21.36 9.97 41.61
N ASP A 312 -20.61 8.95 42.02
CA ASP A 312 -20.03 8.03 41.06
C ASP A 312 -21.09 7.09 40.51
N SER A 313 -20.96 6.79 39.23
CA SER A 313 -21.65 5.69 38.60
C SER A 313 -21.17 4.36 39.20
N LYS A 314 -22.04 3.35 39.13
CA LYS A 314 -21.65 1.96 39.40
C LYS A 314 -20.56 1.47 38.44
N PHE A 315 -20.53 2.01 37.23
CA PHE A 315 -19.73 1.45 36.17
C PHE A 315 -18.33 2.02 36.07
N THR A 316 -18.07 3.18 36.65
CA THR A 316 -16.80 3.84 36.42
C THR A 316 -16.28 4.48 37.70
N ARG A 317 -14.95 4.60 37.75
CA ARG A 317 -14.27 5.50 38.67
C ARG A 317 -13.28 6.31 37.86
N TYR A 318 -13.08 7.56 38.25
CA TYR A 318 -12.18 8.49 37.56
C TYR A 318 -10.97 8.76 38.47
N VAL A 319 -9.80 8.30 38.04
CA VAL A 319 -8.57 8.41 38.83
C VAL A 319 -7.76 9.58 38.30
N PRO A 320 -7.63 10.68 39.04
CA PRO A 320 -6.89 11.84 38.50
C PRO A 320 -5.45 11.51 38.15
N VAL A 321 -5.04 11.88 36.93
CA VAL A 321 -3.72 11.57 36.39
C VAL A 321 -3.21 12.74 35.55
N PRO A 322 -2.00 13.24 35.79
CA PRO A 322 -1.42 14.30 34.93
C PRO A 322 -0.71 13.69 33.73
N LYS A 323 -0.73 14.41 32.59
CA LYS A 323 -1.55 15.59 32.27
C LYS A 323 -1.75 15.55 30.76
N ASN A 324 -3.00 15.50 30.31
CA ASN A 324 -3.36 14.97 29.00
C ASN A 324 -2.66 13.63 28.78
N PRO A 325 -2.80 12.68 29.72
CA PRO A 325 -2.08 11.40 29.61
C PRO A 325 -2.50 10.66 28.35
N HIS A 326 -1.62 9.82 27.87
CA HIS A 326 -1.79 9.15 26.55
C HIS A 326 -1.77 7.63 26.65
N GLY A 327 -0.60 7.02 26.64
CA GLY A 327 -0.56 5.57 26.71
C GLY A 327 -1.27 5.05 27.95
N CYS A 328 -1.89 3.88 27.80
CA CYS A 328 -2.58 3.21 28.89
C CYS A 328 -2.25 1.72 28.76
N ASN A 329 -1.30 1.26 29.57
CA ASN A 329 -0.66 -0.02 29.32
C ASN A 329 -0.68 -0.89 30.58
N THR A 330 -1.16 -2.12 30.43
CA THR A 330 -1.25 -3.05 31.55
C THR A 330 0.05 -3.85 31.69
N SER A 331 0.64 -3.82 32.87
CA SER A 331 1.89 -4.56 33.04
C SER A 331 1.64 -6.06 32.90
N SER A 332 2.68 -6.79 32.48
CA SER A 332 2.51 -8.21 32.17
C SER A 332 2.31 -9.07 33.42
N ASP A 333 2.71 -8.61 34.59
CA ASP A 333 2.39 -9.30 35.83
C ASP A 333 0.97 -9.03 36.32
N GLY A 334 0.20 -8.24 35.56
CA GLY A 334 -1.16 -7.87 35.90
C GLY A 334 -1.31 -6.92 37.07
N LYS A 335 -0.23 -6.30 37.54
CA LYS A 335 -0.31 -5.48 38.75
C LYS A 335 -0.81 -4.04 38.50
N TYR A 336 -0.53 -3.46 37.33
CA TYR A 336 -0.71 -2.03 37.14
C TYR A 336 -1.31 -1.70 35.79
N PHE A 337 -2.21 -0.70 35.79
CA PHE A 337 -2.45 0.09 34.59
C PHE A 337 -1.48 1.26 34.69
N ILE A 338 -0.67 1.46 33.64
CA ILE A 338 0.33 2.53 33.65
C ILE A 338 -0.06 3.55 32.60
N ALA A 339 -0.29 4.78 33.05
CA ALA A 339 -0.69 5.86 32.14
C ALA A 339 0.54 6.72 31.87
N ALA A 340 0.81 6.98 30.60
CA ALA A 340 1.97 7.80 30.23
C ALA A 340 1.57 9.27 30.33
N GLY A 341 2.41 10.07 31.00
CA GLY A 341 1.99 11.38 31.44
C GLY A 341 1.94 12.47 30.38
N LYS A 342 2.59 12.26 29.23
CA LYS A 342 2.67 13.21 28.12
C LYS A 342 3.09 14.61 28.53
N LEU A 343 2.14 15.51 28.82
CA LEU A 343 2.53 16.84 29.28
C LEU A 343 3.14 16.82 30.67
N SER A 344 2.89 15.77 31.47
CA SER A 344 3.63 15.66 32.72
C SER A 344 4.77 14.68 32.49
N PRO A 345 5.97 14.92 33.05
CA PRO A 345 7.13 14.08 32.71
C PRO A 345 7.17 12.78 33.50
N THR A 346 6.02 12.11 33.62
CA THR A 346 5.83 11.02 34.57
C THR A 346 5.04 9.90 33.90
N CYS A 347 4.98 8.78 34.59
CA CYS A 347 3.94 7.79 34.36
C CYS A 347 3.22 7.60 35.69
N SER A 348 1.92 7.31 35.64
CA SER A 348 1.16 7.05 36.86
C SER A 348 0.80 5.58 36.87
N MET A 349 0.98 4.93 38.03
CA MET A 349 0.78 3.49 38.18
C MET A 349 -0.47 3.26 39.03
N ILE A 350 -1.50 2.68 38.44
CA ILE A 350 -2.74 2.32 39.15
C ILE A 350 -2.64 0.87 39.58
N ALA A 351 -2.73 0.61 40.89
CA ALA A 351 -2.68 -0.75 41.41
C ALA A 351 -4.01 -1.42 41.14
N ILE A 352 -4.03 -2.37 40.19
CA ILE A 352 -5.24 -3.11 39.88
C ILE A 352 -5.78 -3.84 41.11
N ASP A 353 -4.90 -4.27 42.02
CA ASP A 353 -5.30 -4.90 43.28
C ASP A 353 -6.14 -4.00 44.17
N LYS A 354 -6.05 -2.68 44.03
CA LYS A 354 -6.83 -1.78 44.86
C LYS A 354 -8.16 -1.41 44.25
N LEU A 355 -8.37 -1.77 42.98
CA LEU A 355 -9.60 -1.38 42.30
C LEU A 355 -10.87 -1.94 42.93
N PRO A 356 -10.92 -3.19 43.42
CA PRO A 356 -12.16 -3.62 44.07
C PRO A 356 -12.51 -2.75 45.26
N ASP A 357 -11.54 -2.41 46.11
CA ASP A 357 -11.80 -1.51 47.24
C ASP A 357 -12.30 -0.15 46.76
N LEU A 358 -11.73 0.35 45.66
CA LEU A 358 -12.16 1.65 45.15
C LEU A 358 -13.63 1.61 44.77
N PHE A 359 -14.04 0.58 44.02
CA PHE A 359 -15.44 0.47 43.62
C PHE A 359 -16.36 0.12 44.80
N ALA A 360 -15.84 -0.48 45.86
CA ALA A 360 -16.65 -0.81 47.04
C ALA A 360 -16.82 0.36 48.00
N GLY A 361 -16.23 1.52 47.69
CA GLY A 361 -16.30 2.66 48.58
C GLY A 361 -15.39 2.56 49.80
N LYS A 362 -14.37 1.71 49.75
CA LYS A 362 -13.49 1.52 50.91
C LYS A 362 -12.36 2.54 50.96
N LEU A 363 -12.11 3.26 49.87
CA LEU A 363 -11.01 4.21 49.78
C LEU A 363 -11.57 5.62 49.78
N ALA A 364 -10.93 6.50 50.54
CA ALA A 364 -11.43 7.86 50.73
C ALA A 364 -11.23 8.76 49.52
N ASP A 365 -10.47 8.33 48.51
CA ASP A 365 -9.98 9.22 47.47
C ASP A 365 -9.54 8.37 46.29
N PRO A 366 -9.96 8.68 45.06
CA PRO A 366 -9.53 7.87 43.91
C PRO A 366 -8.02 7.87 43.70
N ARG A 367 -7.31 8.91 44.14
CA ARG A 367 -5.86 8.92 44.06
C ARG A 367 -5.22 7.81 44.88
N ASP A 368 -5.98 7.21 45.80
CA ASP A 368 -5.44 6.16 46.65
C ASP A 368 -5.05 4.91 45.86
N VAL A 369 -5.60 4.70 44.66
CA VAL A 369 -5.18 3.57 43.84
C VAL A 369 -3.88 3.84 43.09
N ILE A 370 -3.38 5.07 43.11
CA ILE A 370 -2.08 5.37 42.52
C ILE A 370 -1.01 4.94 43.53
N VAL A 371 -0.11 4.07 43.10
CA VAL A 371 0.96 3.54 43.94
C VAL A 371 2.35 3.89 43.40
N GLY A 372 2.43 4.56 42.27
CA GLY A 372 3.69 5.07 41.76
C GLY A 372 3.44 6.15 40.74
N GLU A 373 4.34 7.13 40.71
CA GLU A 373 4.21 8.19 39.73
C GLU A 373 5.63 8.66 39.39
N PRO A 374 6.45 7.78 38.81
CA PRO A 374 7.87 8.10 38.67
C PRO A 374 8.11 9.21 37.66
N GLU A 375 9.06 10.08 37.99
CA GLU A 375 9.53 11.07 37.04
C GLU A 375 10.51 10.39 36.10
N LEU A 376 10.26 10.49 34.79
CA LEU A 376 11.02 9.73 33.81
C LEU A 376 11.70 10.58 32.75
N GLY A 377 11.09 11.67 32.33
CA GLY A 377 11.64 12.47 31.24
C GLY A 377 10.53 13.16 30.49
N LEU A 378 10.93 13.90 29.46
CA LEU A 378 10.00 14.81 28.78
C LEU A 378 9.17 14.07 27.74
N GLY A 379 7.84 14.18 27.87
CA GLY A 379 6.89 13.64 26.92
C GLY A 379 6.72 12.13 26.89
N PRO A 380 6.46 11.50 28.04
CA PRO A 380 6.17 10.06 28.04
C PRO A 380 4.89 9.78 27.28
N LEU A 381 4.93 8.82 26.35
CA LEU A 381 3.76 8.52 25.54
C LEU A 381 3.23 7.09 25.66
N ALA A 382 4.10 6.11 25.95
CA ALA A 382 3.66 4.71 25.98
C ALA A 382 4.65 3.89 26.78
N THR A 383 4.20 2.73 27.27
CA THR A 383 5.00 1.88 28.15
C THR A 383 4.82 0.41 27.73
N THR A 384 5.90 -0.38 27.82
CA THR A 384 5.87 -1.81 27.54
C THR A 384 6.73 -2.53 28.58
N PHE A 385 6.78 -3.87 28.50
CA PHE A 385 7.28 -4.68 29.61
C PHE A 385 8.12 -5.83 29.12
N ASP A 386 9.18 -6.16 29.85
CA ASP A 386 10.03 -7.28 29.46
C ASP A 386 9.71 -8.57 30.20
N GLY A 387 8.70 -8.56 31.07
CA GLY A 387 8.40 -9.69 31.93
C GLY A 387 9.43 -9.97 33.02
N ARG A 388 10.49 -9.15 33.13
CA ARG A 388 11.48 -9.28 34.19
C ARG A 388 11.27 -8.27 35.30
N GLY A 389 10.22 -7.45 35.19
CA GLY A 389 9.93 -6.45 36.20
C GLY A 389 10.26 -5.04 35.77
N ASN A 390 10.79 -4.87 34.57
CA ASN A 390 11.09 -3.54 34.05
C ASN A 390 9.98 -3.07 33.11
N ALA A 391 9.78 -1.76 33.12
CA ALA A 391 8.98 -1.08 32.13
C ALA A 391 9.90 -0.28 31.22
N TYR A 392 9.44 -0.06 29.98
CA TYR A 392 10.17 0.68 28.96
C TYR A 392 9.21 1.73 28.43
N THR A 393 9.58 3.01 28.53
CA THR A 393 8.66 4.09 28.20
C THR A 393 9.29 5.00 27.15
N THR A 394 8.51 5.36 26.12
CA THR A 394 8.95 6.32 25.10
C THR A 394 8.88 7.73 25.66
N LEU A 395 9.92 8.52 25.41
CA LEU A 395 9.94 9.94 25.76
C LEU A 395 9.98 10.70 24.45
N PHE A 396 8.83 11.26 24.04
CA PHE A 396 8.70 11.90 22.74
C PHE A 396 9.62 13.11 22.63
N ILE A 397 9.64 13.93 23.67
CA ILE A 397 10.38 15.19 23.61
C ILE A 397 11.87 14.94 23.69
N ASP A 398 12.30 14.16 24.71
CA ASP A 398 13.70 13.82 24.89
C ASP A 398 14.22 12.85 23.83
N SER A 399 13.32 12.23 23.05
CA SER A 399 13.66 11.29 21.97
C SER A 399 14.43 10.07 22.48
N GLN A 400 13.87 9.38 23.47
CA GLN A 400 14.57 8.26 24.09
C GLN A 400 13.57 7.20 24.49
N VAL A 401 14.09 6.00 24.78
CA VAL A 401 13.37 4.97 25.51
C VAL A 401 14.03 4.86 26.89
N VAL A 402 13.22 4.95 27.95
CA VAL A 402 13.74 4.85 29.31
C VAL A 402 13.27 3.53 29.92
N LYS A 403 14.23 2.77 30.46
CA LYS A 403 13.98 1.50 31.13
C LYS A 403 13.98 1.73 32.64
N TRP A 404 12.94 1.26 33.32
CA TRP A 404 12.80 1.54 34.74
C TRP A 404 12.13 0.35 35.44
N ASN A 405 12.49 0.17 36.71
CA ASN A 405 12.00 -0.95 37.51
C ASN A 405 10.70 -0.54 38.21
N MET A 406 9.63 -1.29 37.97
CA MET A 406 8.32 -0.85 38.48
C MET A 406 8.22 -0.96 40.00
N GLU A 407 8.71 -2.04 40.59
CA GLU A 407 8.56 -2.13 42.04
C GLU A 407 9.41 -1.08 42.74
N GLU A 408 10.55 -0.71 42.16
CA GLU A 408 11.36 0.35 42.74
C GLU A 408 10.63 1.69 42.66
N ALA A 409 9.97 1.96 41.53
CA ALA A 409 9.17 3.17 41.39
C ALA A 409 8.09 3.23 42.46
N VAL A 410 7.48 2.08 42.76
CA VAL A 410 6.45 2.05 43.80
C VAL A 410 7.04 2.41 45.15
N ARG A 411 8.27 1.94 45.43
CA ARG A 411 8.90 2.28 46.70
C ARG A 411 9.33 3.75 46.73
N ALA A 412 9.79 4.29 45.61
CA ALA A 412 10.14 5.71 45.57
C ALA A 412 8.94 6.60 45.85
N TYR A 413 7.75 6.19 45.39
CA TYR A 413 6.53 6.93 45.65
C TYR A 413 6.20 6.98 47.14
N LYS A 414 6.65 6.00 47.90
CA LYS A 414 6.42 5.98 49.34
C LYS A 414 7.43 6.81 50.11
N GLY A 415 8.40 7.43 49.43
CA GLY A 415 9.43 8.19 50.09
C GLY A 415 10.77 7.51 50.22
N GLU A 416 10.94 6.30 49.68
CA GLU A 416 12.24 5.65 49.74
C GLU A 416 13.18 6.28 48.73
N LYS A 417 14.45 6.40 49.12
CA LYS A 417 15.49 6.93 48.24
C LYS A 417 16.05 5.76 47.43
N VAL A 418 15.45 5.51 46.27
CA VAL A 418 15.85 4.39 45.43
C VAL A 418 15.78 4.83 43.98
N ASN A 419 16.79 4.49 43.19
CA ASN A 419 16.86 4.90 41.79
C ASN A 419 16.28 3.80 40.90
N TYR A 420 15.09 4.05 40.39
CA TYR A 420 14.37 3.10 39.57
C TYR A 420 14.71 3.20 38.09
N ILE A 421 15.39 4.26 37.65
CA ILE A 421 15.76 4.37 36.25
C ILE A 421 17.03 3.58 35.98
N LYS A 422 16.98 2.69 34.99
CA LYS A 422 18.12 1.83 34.68
C LYS A 422 18.94 2.31 33.49
N GLN A 423 18.30 2.83 32.45
CA GLN A 423 18.98 3.23 31.23
C GLN A 423 18.07 4.12 30.42
N LYS A 424 18.68 5.06 29.68
CA LYS A 424 17.97 5.81 28.64
C LYS A 424 18.75 5.65 27.34
N LEU A 425 18.05 5.19 26.30
CA LEU A 425 18.64 4.95 24.99
C LEU A 425 18.08 5.95 23.99
N ASP A 426 18.96 6.66 23.29
CA ASP A 426 18.50 7.62 22.29
C ASP A 426 17.88 6.88 21.11
N VAL A 427 16.72 7.36 20.67
CA VAL A 427 16.07 6.87 19.45
C VAL A 427 15.85 8.05 18.48
N HIS A 428 15.49 7.72 17.24
CA HIS A 428 15.72 8.64 16.10
C HIS A 428 14.53 8.71 15.14
N TYR A 429 13.58 9.64 15.36
CA TYR A 429 13.54 10.61 16.48
C TYR A 429 12.07 10.79 16.85
N GLN A 430 11.81 11.21 18.12
CA GLN A 430 10.45 11.47 18.59
C GLN A 430 9.62 10.20 18.57
N PRO A 431 9.82 9.30 19.53
CA PRO A 431 9.06 8.05 19.57
C PRO A 431 7.64 8.27 20.09
N GLY A 432 6.72 7.50 19.53
CA GLY A 432 5.33 7.45 19.93
C GLY A 432 5.08 6.22 20.78
N HIS A 433 4.69 5.14 20.13
CA HIS A 433 4.48 3.89 20.87
C HIS A 433 5.74 3.00 20.81
N LEU A 434 5.73 1.99 21.64
CA LEU A 434 6.80 0.99 21.63
C LEU A 434 6.19 -0.33 22.08
N HIS A 435 6.85 -1.43 21.72
CA HIS A 435 6.25 -2.75 21.91
C HIS A 435 7.35 -3.78 22.13
N ALA A 436 7.30 -4.47 23.26
CA ALA A 436 8.24 -5.54 23.55
C ALA A 436 7.56 -6.89 23.27
N SER A 437 8.36 -7.89 22.89
CA SER A 437 7.78 -9.13 22.39
C SER A 437 6.96 -9.85 23.48
N LEU A 438 5.69 -10.15 23.14
CA LEU A 438 4.71 -10.80 24.01
C LEU A 438 4.33 -9.93 25.21
N CYS A 439 4.54 -8.61 25.12
CA CYS A 439 4.33 -7.72 26.27
C CYS A 439 2.88 -7.70 26.76
N GLU A 440 1.90 -7.98 25.88
CA GLU A 440 0.49 -7.92 26.27
C GLU A 440 -0.01 -9.21 26.93
N THR A 441 0.89 -10.11 27.28
CA THR A 441 0.55 -11.43 27.78
C THR A 441 1.39 -11.74 29.01
N ASN A 442 0.92 -12.74 29.80
CA ASN A 442 1.72 -13.23 30.93
C ASN A 442 2.98 -14.04 30.48
N GLU A 443 3.26 -14.14 29.17
CA GLU A 443 4.44 -14.79 28.63
C GLU A 443 5.46 -13.79 28.09
N ALA A 444 5.30 -12.49 28.37
CA ALA A 444 6.24 -11.47 27.94
C ALA A 444 7.67 -11.97 28.10
N ASP A 445 8.43 -12.01 27.00
CA ASP A 445 9.66 -12.77 26.99
C ASP A 445 10.92 -11.92 27.06
N GLY A 446 10.79 -10.60 27.00
CA GLY A 446 11.92 -9.72 27.23
C GLY A 446 13.01 -9.83 26.19
N LYS A 447 12.68 -10.18 24.95
CA LYS A 447 13.68 -10.40 23.91
CA LYS A 447 13.68 -10.40 23.90
C LYS A 447 13.84 -9.21 22.97
N TRP A 448 12.77 -8.78 22.31
CA TRP A 448 12.82 -7.71 21.33
C TRP A 448 11.93 -6.56 21.74
N LEU A 449 12.37 -5.34 21.40
CA LEU A 449 11.58 -4.13 21.57
C LEU A 449 11.59 -3.34 20.27
N VAL A 450 10.42 -2.86 19.84
CA VAL A 450 10.31 -1.94 18.71
C VAL A 450 9.84 -0.58 19.21
N ALA A 451 10.55 0.47 18.87
CA ALA A 451 10.13 1.83 19.17
C ALA A 451 9.81 2.51 17.86
N LEU A 452 8.61 3.10 17.77
CA LEU A 452 8.08 3.62 16.50
C LEU A 452 8.17 5.14 16.52
N SER A 453 9.16 5.69 15.81
CA SER A 453 9.55 7.08 15.94
C SER A 453 9.10 7.89 14.72
N LYS A 454 8.54 9.05 14.96
CA LYS A 454 7.81 9.84 13.94
C LYS A 454 8.66 10.66 12.97
N PHE A 455 9.86 11.05 13.35
CA PHE A 455 10.69 11.91 12.49
C PHE A 455 12.00 11.20 12.19
N SER A 456 12.13 10.70 10.96
CA SER A 456 13.33 9.95 10.61
C SER A 456 14.46 10.84 10.15
N LYS A 457 14.18 12.07 9.73
CA LYS A 457 15.21 13.03 9.38
C LYS A 457 16.28 12.44 8.47
N ASP A 458 17.51 12.32 8.96
CA ASP A 458 18.66 11.90 8.17
C ASP A 458 19.00 10.41 8.32
N ARG A 459 18.09 9.60 8.86
CA ARG A 459 18.38 8.19 9.10
C ARG A 459 18.27 7.34 7.84
N PHE A 460 17.66 7.86 6.78
CA PHE A 460 17.54 7.16 5.50
C PHE A 460 17.87 8.14 4.38
N LEU A 461 18.09 7.59 3.19
CA LEU A 461 18.26 8.41 1.99
C LEU A 461 17.09 9.39 1.87
N PRO A 462 17.33 10.61 1.41
CA PRO A 462 16.21 11.54 1.17
C PRO A 462 15.32 11.07 0.02
N VAL A 463 14.01 11.22 0.20
CA VAL A 463 12.99 10.76 -0.73
C VAL A 463 11.94 11.84 -0.97
N GLY A 464 12.32 13.10 -0.87
CA GLY A 464 11.38 14.18 -1.07
C GLY A 464 10.82 14.77 0.22
N PRO A 465 9.82 15.65 0.10
CA PRO A 465 9.31 16.32 1.30
C PRO A 465 8.69 15.39 2.32
N LEU A 466 8.07 14.30 1.88
CA LEU A 466 7.47 13.32 2.79
C LEU A 466 8.52 12.29 3.18
N HIS A 467 8.66 12.03 4.48
CA HIS A 467 9.66 11.13 5.06
C HIS A 467 9.02 9.84 5.59
N PRO A 468 9.79 8.75 5.68
CA PRO A 468 9.28 7.54 6.32
C PRO A 468 9.35 7.63 7.84
N GLU A 469 8.53 6.83 8.51
CA GLU A 469 8.73 6.67 9.95
CA GLU A 469 8.67 6.60 9.95
C GLU A 469 9.94 5.78 10.19
N ASN A 470 10.49 5.86 11.39
CA ASN A 470 11.63 5.04 11.78
C ASN A 470 11.20 4.09 12.89
N ASP A 471 11.03 2.83 12.55
CA ASP A 471 10.64 1.81 13.52
C ASP A 471 11.92 1.04 13.86
N GLN A 472 12.46 1.29 15.05
CA GLN A 472 13.78 0.80 15.42
C GLN A 472 13.68 -0.45 16.29
N LEU A 473 14.42 -1.50 15.90
CA LEU A 473 14.47 -2.75 16.64
C LEU A 473 15.60 -2.68 17.65
N ILE A 474 15.27 -2.98 18.91
CA ILE A 474 16.18 -2.87 20.05
C ILE A 474 16.22 -4.21 20.76
N ASP A 475 17.43 -4.71 21.00
CA ASP A 475 17.62 -5.95 21.75
C ASP A 475 17.50 -5.65 23.25
N ILE A 476 16.52 -6.27 23.91
CA ILE A 476 16.30 -6.07 25.35
C ILE A 476 16.57 -7.34 26.16
N SER A 477 17.15 -8.38 25.53
CA SER A 477 17.34 -9.66 26.18
C SER A 477 18.32 -9.59 27.35
N GLY A 478 19.24 -8.62 27.34
CA GLY A 478 20.24 -8.48 28.38
C GLY A 478 19.99 -7.27 29.25
N ASP A 479 21.01 -6.97 30.07
CA ASP A 479 20.89 -5.85 31.00
C ASP A 479 20.82 -4.52 30.28
N GLU A 480 21.45 -4.41 29.11
CA GLU A 480 21.51 -3.16 28.38
C GLU A 480 20.70 -3.26 27.08
N MET A 481 19.82 -2.28 26.87
CA MET A 481 19.16 -2.14 25.58
C MET A 481 20.19 -1.81 24.51
N LYS A 482 20.03 -2.40 23.32
CA LYS A 482 20.98 -2.18 22.23
C LYS A 482 20.19 -1.95 20.96
N LEU A 483 20.45 -0.83 20.29
CA LEU A 483 19.76 -0.55 19.04
C LEU A 483 20.40 -1.40 17.95
N VAL A 484 19.58 -2.13 17.18
CA VAL A 484 20.17 -3.04 16.20
C VAL A 484 19.69 -2.82 14.75
N HIS A 485 18.55 -2.17 14.52
CA HIS A 485 18.05 -1.99 13.17
C HIS A 485 17.12 -0.78 13.11
N ASP A 486 17.30 0.05 12.07
CA ASP A 486 16.38 1.13 11.73
C ASP A 486 15.48 0.65 10.59
N GLY A 487 14.17 0.62 10.82
CA GLY A 487 13.25 0.14 9.82
C GLY A 487 12.32 1.22 9.32
N PRO A 488 12.54 1.69 8.08
CA PRO A 488 11.68 2.76 7.54
C PRO A 488 10.32 2.17 7.18
N THR A 489 9.26 2.91 7.50
CA THR A 489 7.92 2.45 7.17
C THR A 489 7.07 3.61 6.66
N PHE A 490 6.03 3.28 5.89
CA PHE A 490 5.22 4.28 5.22
C PHE A 490 4.00 4.65 6.06
N ALA A 491 3.70 5.96 6.15
CA ALA A 491 2.40 6.43 6.60
C ALA A 491 2.14 6.17 8.07
N GLU A 492 3.19 6.12 8.85
CA GLU A 492 3.03 6.19 10.29
C GLU A 492 2.27 5.03 10.89
N PRO A 493 2.80 3.82 10.84
CA PRO A 493 2.32 2.80 11.77
C PRO A 493 2.31 3.43 13.15
N HIS A 494 1.32 3.21 13.96
CA HIS A 494 1.59 3.85 15.27
C HIS A 494 2.14 2.79 16.22
N ASP A 495 1.47 1.66 16.29
CA ASP A 495 1.85 0.57 17.18
C ASP A 495 1.98 -0.68 16.33
N CYS A 496 2.55 -1.71 16.94
CA CYS A 496 2.68 -3.00 16.29
C CYS A 496 2.56 -4.04 17.38
N ILE A 497 2.50 -5.31 16.96
CA ILE A 497 2.39 -6.41 17.90
C ILE A 497 3.17 -7.60 17.33
N MET A 498 3.91 -8.28 18.20
CA MET A 498 4.72 -9.40 17.79
C MET A 498 4.15 -10.68 18.40
N ALA A 499 4.31 -11.79 17.67
CA ALA A 499 3.92 -13.10 18.16
C ALA A 499 5.00 -14.06 17.76
N ARG A 500 5.22 -15.09 18.59
CA ARG A 500 6.16 -16.14 18.23
C ARG A 500 5.67 -16.83 16.98
N ARG A 501 6.62 -17.32 16.16
CA ARG A 501 6.26 -18.08 14.98
C ARG A 501 5.26 -19.20 15.30
N ASP A 502 5.45 -19.87 16.44
CA ASP A 502 4.60 -20.99 16.82
C ASP A 502 3.23 -20.58 17.34
N GLN A 503 2.95 -19.28 17.50
CA GLN A 503 1.62 -18.84 17.91
C GLN A 503 0.69 -18.56 16.72
N ILE A 504 1.20 -18.64 15.50
CA ILE A 504 0.49 -18.30 14.27
C ILE A 504 0.45 -19.54 13.39
N LYS A 505 -0.75 -19.98 13.02
CA LYS A 505 -0.91 -21.14 12.14
C LYS A 505 -1.79 -20.72 10.97
N THR A 506 -1.25 -20.81 9.75
CA THR A 506 -1.95 -20.29 8.59
C THR A 506 -2.30 -21.42 7.62
N LYS A 507 -3.32 -21.17 6.81
CA LYS A 507 -3.71 -22.10 5.76
C LYS A 507 -2.85 -21.92 4.53
N LYS A 508 -2.48 -23.05 3.92
CA LYS A 508 -1.71 -23.00 2.69
C LYS A 508 -2.59 -22.84 1.46
N ILE A 509 -3.83 -23.34 1.51
CA ILE A 509 -4.80 -23.19 0.43
C ILE A 509 -6.14 -23.02 1.11
N TRP A 510 -7.10 -22.44 0.39
CA TRP A 510 -8.38 -22.13 0.98
C TRP A 510 -9.21 -23.40 1.19
N ASP A 511 -10.08 -23.36 2.19
CA ASP A 511 -11.14 -24.36 2.34
C ASP A 511 -12.32 -23.90 1.49
N ARG A 512 -12.92 -24.85 0.77
CA ARG A 512 -14.05 -24.52 -0.10
C ARG A 512 -15.27 -24.05 0.69
N ASN A 513 -15.40 -24.41 1.96
CA ASN A 513 -16.48 -23.95 2.81
C ASN A 513 -16.14 -22.68 3.60
N ASP A 514 -15.13 -21.93 3.19
CA ASP A 514 -14.70 -20.81 4.03
C ASP A 514 -15.79 -19.74 4.11
N PRO A 515 -16.11 -19.24 5.32
CA PRO A 515 -17.10 -18.15 5.45
C PRO A 515 -16.78 -16.91 4.64
N PHE A 516 -15.49 -16.66 4.35
CA PHE A 516 -15.08 -15.45 3.63
C PHE A 516 -15.85 -15.31 2.31
N PHE A 517 -16.08 -16.43 1.60
CA PHE A 517 -16.84 -16.35 0.35
C PHE A 517 -18.13 -17.18 0.39
N ALA A 518 -18.59 -17.57 1.58
CA ALA A 518 -19.87 -18.28 1.68
C ALA A 518 -21.05 -17.55 1.04
N PRO A 519 -21.20 -16.22 1.13
CA PRO A 519 -22.31 -15.58 0.40
C PRO A 519 -22.24 -15.77 -1.11
N THR A 520 -21.04 -15.87 -1.66
CA THR A 520 -20.89 -16.10 -3.08
C THR A 520 -21.24 -17.55 -3.43
N VAL A 521 -20.85 -18.48 -2.55
CA VAL A 521 -21.29 -19.86 -2.73
C VAL A 521 -22.81 -19.93 -2.71
N GLU A 522 -23.44 -19.14 -1.84
CA GLU A 522 -24.90 -19.10 -1.79
C GLU A 522 -25.50 -18.55 -3.08
N MET A 523 -24.97 -17.45 -3.59
CA MET A 523 -25.42 -16.93 -4.87
C MET A 523 -25.34 -18.00 -5.95
N ALA A 524 -24.22 -18.68 -6.04
CA ALA A 524 -24.04 -19.73 -7.05
C ALA A 524 -25.09 -20.82 -6.89
N LYS A 525 -25.42 -21.19 -5.66
CA LYS A 525 -26.43 -22.22 -5.44
C LYS A 525 -27.78 -21.81 -6.01
N LYS A 526 -28.15 -20.53 -5.87
CA LYS A 526 -29.42 -20.08 -6.41
C LYS A 526 -29.44 -20.15 -7.94
N ASP A 527 -28.28 -20.06 -8.57
CA ASP A 527 -28.15 -20.20 -10.02
C ASP A 527 -27.94 -21.65 -10.45
N GLY A 528 -27.95 -22.62 -9.52
CA GLY A 528 -27.74 -24.00 -9.87
C GLY A 528 -26.31 -24.36 -10.25
N ILE A 529 -25.33 -23.65 -9.70
CA ILE A 529 -23.94 -23.73 -10.13
C ILE A 529 -23.12 -24.51 -9.12
N ASN A 530 -22.31 -25.46 -9.62
CA ASN A 530 -21.27 -26.14 -8.84
C ASN A 530 -19.97 -25.38 -9.15
N LEU A 531 -19.55 -24.53 -8.20
CA LEU A 531 -18.37 -23.68 -8.41
C LEU A 531 -17.08 -24.49 -8.66
N ASP A 532 -16.99 -25.69 -8.09
CA ASP A 532 -15.78 -26.50 -8.29
C ASP A 532 -15.61 -26.99 -9.72
N THR A 533 -16.66 -26.98 -10.53
CA THR A 533 -16.60 -27.56 -11.88
C THR A 533 -17.14 -26.69 -13.00
N ASP A 534 -18.07 -25.77 -12.74
CA ASP A 534 -18.86 -25.23 -13.83
C ASP A 534 -18.19 -24.06 -14.54
N ASN A 535 -18.44 -23.98 -15.85
CA ASN A 535 -18.02 -22.86 -16.70
C ASN A 535 -19.24 -22.45 -17.53
N LYS A 536 -19.98 -21.45 -17.07
CA LYS A 536 -21.31 -21.19 -17.61
C LYS A 536 -21.60 -19.70 -17.47
N VAL A 537 -22.46 -19.21 -18.36
CA VAL A 537 -22.86 -17.80 -18.36
C VAL A 537 -24.37 -17.77 -18.16
N ILE A 538 -24.80 -17.15 -17.08
CA ILE A 538 -26.23 -17.06 -16.74
C ILE A 538 -26.73 -15.71 -17.21
N ARG A 539 -27.85 -15.68 -17.93
CA ARG A 539 -28.43 -14.42 -18.39
C ARG A 539 -29.74 -14.16 -17.64
N ASP A 540 -29.88 -12.94 -17.14
CA ASP A 540 -31.02 -12.58 -16.29
C ASP A 540 -31.37 -11.11 -16.59
N GLY A 541 -32.17 -10.90 -17.64
CA GLY A 541 -32.47 -9.53 -18.08
C GLY A 541 -31.19 -8.82 -18.51
N ASN A 542 -30.92 -7.66 -17.91
CA ASN A 542 -29.67 -6.96 -18.22
C ASN A 542 -28.55 -7.35 -17.28
N LYS A 543 -28.73 -8.40 -16.49
CA LYS A 543 -27.68 -8.91 -15.62
C LYS A 543 -27.10 -10.17 -16.25
N VAL A 544 -25.77 -10.30 -16.16
CA VAL A 544 -25.06 -11.44 -16.71
C VAL A 544 -24.12 -11.94 -15.61
N ARG A 545 -24.25 -13.22 -15.26
CA ARG A 545 -23.43 -13.82 -14.21
C ARG A 545 -22.58 -14.93 -14.82
N VAL A 546 -21.29 -14.66 -14.94
CA VAL A 546 -20.33 -15.60 -15.51
C VAL A 546 -19.72 -16.37 -14.36
N TYR A 547 -19.73 -17.70 -14.45
CA TYR A 547 -19.08 -18.54 -13.47
C TYR A 547 -18.03 -19.39 -14.16
N MET A 548 -16.81 -19.41 -13.62
CA MET A 548 -15.77 -20.19 -14.27
C MET A 548 -14.80 -20.74 -13.24
N THR A 549 -14.22 -21.88 -13.55
CA THR A 549 -13.05 -22.33 -12.82
C THR A 549 -11.83 -21.76 -13.52
N SER A 550 -10.69 -21.78 -12.84
CA SER A 550 -9.45 -21.38 -13.48
C SER A 550 -8.34 -22.32 -13.03
N MET A 551 -7.49 -22.71 -13.97
CA MET A 551 -6.40 -23.62 -13.68
C MET A 551 -5.26 -23.17 -14.58
N ALA A 552 -4.13 -22.80 -13.99
CA ALA A 552 -3.08 -22.16 -14.77
C ALA A 552 -2.68 -23.06 -15.93
N PRO A 553 -2.53 -22.53 -17.16
CA PRO A 553 -2.61 -21.13 -17.55
C PRO A 553 -3.87 -20.76 -18.32
N ALA A 554 -5.04 -21.23 -17.91
CA ALA A 554 -6.26 -21.02 -18.68
C ALA A 554 -7.43 -20.62 -17.79
N PHE A 555 -8.17 -19.60 -18.21
CA PHE A 555 -9.47 -19.33 -17.61
C PHE A 555 -10.45 -20.36 -18.15
N GLY A 556 -11.40 -20.77 -17.31
CA GLY A 556 -12.37 -21.76 -17.72
C GLY A 556 -13.41 -21.24 -18.69
N VAL A 557 -13.68 -19.94 -18.68
CA VAL A 557 -14.51 -19.27 -19.68
C VAL A 557 -13.59 -18.27 -20.36
N GLN A 558 -13.29 -18.50 -21.64
CA GLN A 558 -12.31 -17.65 -22.33
C GLN A 558 -12.93 -16.60 -23.22
N GLU A 559 -14.25 -16.63 -23.41
CA GLU A 559 -14.95 -15.56 -24.09
C GLU A 559 -16.40 -15.58 -23.61
N PHE A 560 -17.02 -14.41 -23.60
CA PHE A 560 -18.45 -14.30 -23.41
C PHE A 560 -18.93 -13.01 -24.04
N THR A 561 -20.21 -12.98 -24.39
CA THR A 561 -20.80 -11.87 -25.09
C THR A 561 -21.95 -11.30 -24.25
N VAL A 562 -22.04 -9.96 -24.21
CA VAL A 562 -23.04 -9.26 -23.42
C VAL A 562 -23.55 -8.09 -24.24
N LYS A 563 -24.59 -7.44 -23.70
CA LYS A 563 -25.21 -6.26 -24.30
C LYS A 563 -24.65 -5.01 -23.64
N GLN A 564 -24.38 -3.98 -24.42
CA GLN A 564 -23.89 -2.74 -23.83
C GLN A 564 -24.87 -2.29 -22.76
N GLY A 565 -24.33 -1.95 -21.59
CA GLY A 565 -25.13 -1.59 -20.43
C GLY A 565 -25.38 -2.71 -19.45
N ASP A 566 -25.13 -3.97 -19.83
CA ASP A 566 -25.36 -5.09 -18.92
C ASP A 566 -24.51 -4.96 -17.67
N GLU A 567 -25.06 -5.34 -16.53
CA GLU A 567 -24.30 -5.45 -15.28
C GLU A 567 -23.74 -6.87 -15.23
N VAL A 568 -22.43 -6.98 -15.32
CA VAL A 568 -21.73 -8.27 -15.42
C VAL A 568 -21.12 -8.62 -14.07
N THR A 569 -21.39 -9.83 -13.58
CA THR A 569 -20.66 -10.36 -12.42
C THR A 569 -19.82 -11.53 -12.92
N VAL A 570 -18.53 -11.51 -12.58
CA VAL A 570 -17.64 -12.61 -12.94
C VAL A 570 -17.19 -13.25 -11.64
N THR A 571 -17.45 -14.55 -11.52
CA THR A 571 -17.10 -15.32 -10.34
C THR A 571 -16.13 -16.39 -10.80
N ILE A 572 -14.96 -16.44 -10.17
CA ILE A 572 -13.88 -17.32 -10.57
C ILE A 572 -13.50 -18.20 -9.40
N THR A 573 -13.40 -19.50 -9.64
CA THR A 573 -12.91 -20.44 -8.63
C THR A 573 -11.59 -21.03 -9.11
N ASN A 574 -10.54 -20.82 -8.33
CA ASN A 574 -9.21 -21.27 -8.69
C ASN A 574 -9.11 -22.73 -8.26
N ILE A 575 -9.12 -23.65 -9.21
CA ILE A 575 -9.12 -25.07 -8.85
C ILE A 575 -7.72 -25.68 -8.87
N ASP A 576 -6.68 -24.86 -9.02
CA ASP A 576 -5.34 -25.36 -8.77
C ASP A 576 -5.23 -25.78 -7.31
N GLN A 577 -4.46 -26.84 -7.06
CA GLN A 577 -4.22 -27.30 -5.69
C GLN A 577 -2.80 -27.04 -5.22
N ILE A 578 -1.90 -26.64 -6.12
CA ILE A 578 -0.52 -26.35 -5.74
C ILE A 578 -0.47 -25.05 -4.95
N GLU A 579 0.17 -25.08 -3.78
CA GLU A 579 0.36 -23.85 -3.01
C GLU A 579 1.05 -22.80 -3.86
N ASP A 580 0.66 -21.55 -3.66
CA ASP A 580 1.27 -20.35 -4.24
C ASP A 580 0.84 -20.11 -5.69
N VAL A 581 0.03 -20.96 -6.31
CA VAL A 581 -0.42 -20.72 -7.71
C VAL A 581 -1.68 -19.87 -7.64
N SER A 582 -1.47 -18.58 -7.39
CA SER A 582 -2.59 -17.62 -7.42
C SER A 582 -2.86 -17.19 -8.85
N HIS A 583 -4.12 -16.83 -9.12
CA HIS A 583 -4.50 -16.20 -10.38
C HIS A 583 -5.06 -14.82 -10.09
N GLY A 584 -5.13 -14.01 -11.14
CA GLY A 584 -5.78 -12.72 -11.07
C GLY A 584 -6.80 -12.60 -12.19
N PHE A 585 -7.53 -11.50 -12.15
CA PHE A 585 -8.51 -11.21 -13.19
C PHE A 585 -8.60 -9.69 -13.28
N VAL A 586 -8.28 -9.17 -14.46
CA VAL A 586 -8.37 -7.74 -14.77
C VAL A 586 -9.13 -7.60 -16.08
N VAL A 587 -10.13 -6.72 -16.10
CA VAL A 587 -10.80 -6.35 -17.35
C VAL A 587 -10.22 -5.02 -17.80
N VAL A 588 -9.59 -5.00 -18.99
CA VAL A 588 -8.87 -3.83 -19.44
C VAL A 588 -9.83 -2.65 -19.57
N ASN A 589 -9.44 -1.51 -19.00
CA ASN A 589 -10.12 -0.22 -19.13
C ASN A 589 -11.50 -0.20 -18.46
N HIS A 590 -11.76 -1.11 -17.52
CA HIS A 590 -13.03 -1.12 -16.80
C HIS A 590 -12.85 -0.95 -15.30
N GLY A 591 -11.63 -0.76 -14.81
CA GLY A 591 -11.44 -0.60 -13.37
C GLY A 591 -11.71 -1.84 -12.55
N VAL A 592 -11.41 -3.00 -13.11
CA VAL A 592 -11.76 -4.29 -12.52
C VAL A 592 -10.47 -5.07 -12.28
N SER A 593 -10.28 -5.56 -11.04
CA SER A 593 -9.06 -6.26 -10.69
C SER A 593 -9.30 -7.08 -9.42
N MET A 594 -8.80 -8.32 -9.37
CA MET A 594 -8.96 -9.12 -8.14
C MET A 594 -8.05 -10.35 -8.17
N GLU A 595 -7.79 -10.89 -6.96
CA GLU A 595 -6.98 -12.09 -6.71
C GLU A 595 -7.91 -13.28 -6.55
N ILE A 596 -7.48 -14.44 -7.07
CA ILE A 596 -8.11 -15.73 -6.75
C ILE A 596 -6.98 -16.70 -6.41
N SER A 597 -6.78 -16.99 -5.12
CA SER A 597 -5.74 -17.90 -4.67
C SER A 597 -6.25 -19.34 -4.68
N PRO A 598 -5.34 -20.36 -4.51
CA PRO A 598 -5.76 -21.77 -4.65
C PRO A 598 -6.98 -22.16 -3.82
N GLN A 599 -8.02 -22.63 -4.50
CA GLN A 599 -9.29 -23.08 -3.92
C GLN A 599 -10.17 -21.93 -3.42
N GLN A 600 -9.83 -20.68 -3.73
CA GLN A 600 -10.71 -19.55 -3.41
C GLN A 600 -11.76 -19.36 -4.50
N THR A 601 -12.93 -18.84 -4.11
CA THR A 601 -13.86 -18.25 -5.06
C THR A 601 -13.89 -16.75 -4.81
N SER A 602 -13.71 -15.96 -5.86
CA SER A 602 -13.80 -14.49 -5.76
C SER A 602 -14.73 -14.00 -6.86
N SER A 603 -15.40 -12.87 -6.62
CA SER A 603 -16.34 -12.35 -7.61
C SER A 603 -16.30 -10.82 -7.66
N ILE A 604 -16.61 -10.28 -8.83
CA ILE A 604 -16.57 -8.83 -9.01
C ILE A 604 -17.64 -8.45 -10.03
N THR A 605 -18.23 -7.28 -9.82
CA THR A 605 -19.36 -6.82 -10.63
C THR A 605 -19.03 -5.45 -11.23
N PHE A 606 -19.36 -5.28 -12.51
CA PHE A 606 -19.02 -4.07 -13.25
C PHE A 606 -20.04 -3.90 -14.36
N VAL A 607 -20.20 -2.68 -14.88
CA VAL A 607 -21.12 -2.53 -16.01
C VAL A 607 -20.34 -2.43 -17.31
N ALA A 608 -20.81 -3.16 -18.32
CA ALA A 608 -20.16 -3.19 -19.63
C ALA A 608 -20.68 -1.99 -20.43
N ASP A 609 -20.08 -0.83 -20.18
CA ASP A 609 -20.59 0.42 -20.73
C ASP A 609 -19.93 0.83 -22.03
N LYS A 610 -19.05 0.02 -22.60
CA LYS A 610 -18.37 0.35 -23.84
C LYS A 610 -18.59 -0.78 -24.83
N PRO A 611 -19.17 -0.51 -26.00
CA PRO A 611 -19.33 -1.56 -27.00
C PRO A 611 -17.95 -2.02 -27.46
N GLY A 612 -17.92 -3.19 -28.11
CA GLY A 612 -16.72 -3.66 -28.75
C GLY A 612 -16.07 -4.81 -27.99
N LEU A 613 -14.86 -5.14 -28.43
CA LEU A 613 -14.09 -6.22 -27.84
C LEU A 613 -13.28 -5.66 -26.67
N HIS A 614 -13.30 -6.36 -25.53
CA HIS A 614 -12.58 -5.91 -24.35
C HIS A 614 -11.88 -7.08 -23.69
N TRP A 615 -10.54 -7.01 -23.65
CA TRP A 615 -9.76 -8.14 -23.16
C TRP A 615 -9.77 -8.21 -21.65
N TYR A 616 -9.70 -9.43 -21.13
CA TYR A 616 -9.39 -9.64 -19.73
C TYR A 616 -8.18 -10.55 -19.59
N TYR A 617 -7.43 -10.38 -18.51
CA TYR A 617 -6.20 -11.18 -18.36
C TYR A 617 -5.95 -11.54 -16.90
N CYS A 618 -5.11 -12.56 -16.72
CA CYS A 618 -4.66 -12.97 -15.41
C CYS A 618 -3.50 -12.08 -14.96
N SER A 619 -3.66 -11.41 -13.83
CA SER A 619 -2.65 -10.47 -13.33
C SER A 619 -1.56 -11.10 -12.48
N TRP A 620 -1.76 -12.32 -11.98
CA TRP A 620 -0.79 -12.96 -11.07
C TRP A 620 0.05 -13.93 -11.86
N PHE A 621 1.35 -13.67 -11.96
CA PHE A 621 2.24 -14.54 -12.73
C PHE A 621 2.14 -15.94 -12.17
N CYS A 622 1.66 -16.88 -12.99
CA CYS A 622 1.21 -18.17 -12.46
C CYS A 622 1.77 -19.37 -13.19
N HIS A 623 2.52 -19.17 -14.27
CA HIS A 623 2.84 -20.21 -15.23
C HIS A 623 3.73 -19.59 -16.30
N ALA A 624 4.48 -20.43 -17.02
CA ALA A 624 5.27 -19.89 -18.14
C ALA A 624 4.37 -19.31 -19.22
N LEU A 625 3.11 -19.76 -19.30
CA LEU A 625 2.15 -19.22 -20.26
C LEU A 625 1.24 -18.17 -19.64
N HIS A 626 1.74 -17.45 -18.63
CA HIS A 626 0.93 -16.45 -17.93
C HIS A 626 0.49 -15.33 -18.86
N MET A 627 1.38 -14.87 -19.76
CA MET A 627 1.03 -13.77 -20.66
C MET A 627 -0.14 -14.16 -21.54
N GLU A 628 -0.27 -15.44 -21.84
CA GLU A 628 -1.31 -15.96 -22.72
C GLU A 628 -2.57 -16.36 -21.95
N MET A 629 -2.62 -16.18 -20.63
CA MET A 629 -3.81 -16.52 -19.86
C MET A 629 -4.80 -15.35 -19.93
N VAL A 630 -5.61 -15.31 -20.99
CA VAL A 630 -6.46 -14.17 -21.29
C VAL A 630 -7.81 -14.67 -21.81
N GLY A 631 -8.75 -13.72 -21.95
CA GLY A 631 -10.06 -13.97 -22.51
C GLY A 631 -10.62 -12.70 -23.13
N ARG A 632 -11.78 -12.84 -23.77
CA ARG A 632 -12.44 -11.73 -24.47
C ARG A 632 -13.87 -11.56 -23.98
N MET A 633 -14.22 -10.34 -23.58
CA MET A 633 -15.61 -9.95 -23.41
C MET A 633 -16.05 -9.17 -24.64
N MET A 634 -17.10 -9.63 -25.30
CA MET A 634 -17.60 -8.96 -26.49
C MET A 634 -18.92 -8.27 -26.15
N VAL A 635 -18.99 -6.97 -26.40
CA VAL A 635 -20.09 -6.13 -25.94
C VAL A 635 -20.84 -5.63 -27.16
N GLU A 636 -22.06 -6.09 -27.34
CA GLU A 636 -22.81 -5.71 -28.54
C GLU A 636 -23.49 -4.36 -28.32
N PRO A 637 -23.44 -3.46 -29.31
CA PRO A 637 -23.89 -2.09 -29.08
C PRO A 637 -25.38 -1.98 -28.85
N ALA A 638 -25.75 -0.97 -28.06
CA ALA A 638 -27.13 -0.65 -27.76
C ALA A 638 -27.97 -0.41 -29.02
N GLN B 58 32.15 -5.97 -1.07
CA GLN B 58 30.94 -5.16 -1.23
C GLN B 58 30.09 -5.28 0.01
N LYS B 59 29.81 -4.14 0.63
CA LYS B 59 29.03 -4.14 1.86
C LYS B 59 27.58 -4.50 1.57
N ILE B 60 27.06 -5.45 2.33
CA ILE B 60 25.71 -5.95 2.13
C ILE B 60 24.72 -5.50 3.20
N HIS B 61 25.19 -5.04 4.37
CA HIS B 61 24.32 -4.68 5.48
C HIS B 61 24.48 -3.22 5.82
N VAL B 62 23.36 -2.51 5.91
CA VAL B 62 23.34 -1.10 6.26
C VAL B 62 22.88 -0.98 7.70
N GLY B 63 23.79 -0.60 8.59
CA GLY B 63 23.48 -0.50 10.00
C GLY B 63 22.82 0.82 10.34
N PRO B 64 22.36 0.93 11.58
CA PRO B 64 21.72 2.18 12.03
C PRO B 64 22.66 3.37 11.86
N GLY B 65 22.16 4.42 11.22
CA GLY B 65 22.96 5.59 10.92
C GLY B 65 23.71 5.53 9.61
N GLU B 66 23.88 4.36 9.03
CA GLU B 66 24.45 4.24 7.69
C GLU B 66 23.35 4.41 6.65
N LEU B 67 23.73 4.90 5.46
CA LEU B 67 22.80 5.10 4.38
C LEU B 67 23.07 4.09 3.27
N ASP B 68 22.02 3.75 2.53
CA ASP B 68 22.17 2.93 1.35
C ASP B 68 22.98 3.65 0.28
N ASP B 69 23.56 2.88 -0.64
CA ASP B 69 24.38 3.43 -1.72
C ASP B 69 23.63 3.69 -3.01
N TYR B 70 22.48 3.03 -3.21
CA TYR B 70 21.68 3.18 -4.41
C TYR B 70 20.24 3.39 -4.02
N TYR B 71 19.51 4.12 -4.87
CA TYR B 71 18.06 4.09 -4.83
C TYR B 71 17.59 2.94 -5.70
N GLY B 72 16.52 2.27 -5.26
CA GLY B 72 15.83 1.33 -6.12
C GLY B 72 14.39 1.79 -6.30
N PHE B 73 13.90 1.76 -7.52
CA PHE B 73 12.51 2.10 -7.81
C PHE B 73 11.83 0.85 -8.31
N TRP B 74 10.99 0.27 -7.46
CA TRP B 74 10.30 -0.96 -7.75
C TRP B 74 8.94 -0.65 -8.35
N SER B 75 8.54 -1.42 -9.35
CA SER B 75 7.14 -1.37 -9.76
C SER B 75 6.29 -1.98 -8.67
N GLY B 76 5.06 -1.51 -8.56
CA GLY B 76 4.16 -2.11 -7.59
C GLY B 76 3.28 -3.21 -8.13
N GLY B 77 3.48 -3.60 -9.38
CA GLY B 77 2.67 -4.65 -9.97
C GLY B 77 1.20 -4.29 -9.98
N HIS B 78 0.36 -5.29 -9.68
CA HIS B 78 -1.07 -5.00 -9.73
C HIS B 78 -1.57 -4.25 -8.51
N GLN B 79 -0.68 -3.89 -7.59
CA GLN B 79 -1.06 -2.98 -6.52
C GLN B 79 -1.06 -1.53 -6.99
N GLY B 80 -0.32 -1.19 -8.03
CA GLY B 80 -0.52 0.04 -8.74
C GLY B 80 0.37 1.22 -8.36
N GLU B 81 1.22 1.11 -7.33
CA GLU B 81 2.09 2.20 -6.90
C GLU B 81 3.53 1.98 -7.40
N VAL B 82 4.41 2.93 -7.09
CA VAL B 82 5.85 2.78 -7.24
C VAL B 82 6.46 2.83 -5.85
N ARG B 83 7.47 2.00 -5.62
CA ARG B 83 8.08 1.90 -4.31
C ARG B 83 9.56 2.30 -4.41
N VAL B 84 10.01 3.10 -3.47
CA VAL B 84 11.40 3.54 -3.41
C VAL B 84 12.07 2.73 -2.33
N LEU B 85 13.10 1.97 -2.70
CA LEU B 85 13.90 1.15 -1.81
C LEU B 85 15.31 1.70 -1.71
N GLY B 86 15.94 1.46 -0.56
CA GLY B 86 17.37 1.62 -0.44
C GLY B 86 18.04 0.31 -0.79
N VAL B 87 19.14 0.41 -1.55
CA VAL B 87 19.94 -0.73 -1.95
C VAL B 87 21.34 -0.49 -1.42
N PRO B 88 21.99 -1.49 -0.76
CA PRO B 88 21.66 -2.92 -0.64
C PRO B 88 20.78 -3.37 0.52
N SER B 89 20.30 -2.47 1.38
CA SER B 89 19.48 -2.93 2.49
C SER B 89 18.15 -3.53 2.04
N MET B 90 17.66 -3.15 0.86
CA MET B 90 16.37 -3.60 0.32
C MET B 90 15.17 -3.15 1.15
N ARG B 91 15.34 -2.14 1.98
CA ARG B 91 14.24 -1.63 2.78
C ARG B 91 13.47 -0.61 1.96
N GLU B 92 12.16 -0.58 2.16
CA GLU B 92 11.33 0.38 1.43
C GLU B 92 11.30 1.71 2.18
N LEU B 93 11.80 2.76 1.50
CA LEU B 93 11.88 4.10 2.05
C LEU B 93 10.63 4.94 1.81
N MET B 94 9.92 4.70 0.71
CA MET B 94 8.75 5.51 0.38
C MET B 94 7.86 4.72 -0.57
N ARG B 95 6.57 5.05 -0.55
CA ARG B 95 5.63 4.61 -1.56
C ARG B 95 5.12 5.84 -2.29
N ILE B 96 5.09 5.76 -3.62
CA ILE B 96 4.60 6.83 -4.47
C ILE B 96 3.31 6.32 -5.11
N PRO B 97 2.15 6.82 -4.70
CA PRO B 97 0.91 6.39 -5.32
C PRO B 97 0.87 6.85 -6.76
N VAL B 98 0.34 5.99 -7.63
CA VAL B 98 0.27 6.30 -9.06
C VAL B 98 -1.11 5.92 -9.59
N PHE B 99 -1.37 4.61 -9.72
CA PHE B 99 -2.68 4.17 -10.17
C PHE B 99 -3.57 3.71 -9.03
N ASN B 100 -3.03 3.53 -7.84
CA ASN B 100 -3.79 3.14 -6.67
C ASN B 100 -4.33 4.39 -6.00
N VAL B 101 -5.34 4.20 -5.14
CA VAL B 101 -5.84 5.28 -4.29
C VAL B 101 -5.17 5.15 -2.93
N ASP B 102 -4.45 6.20 -2.50
CA ASP B 102 -3.69 6.19 -1.25
C ASP B 102 -4.43 6.98 -0.18
N SER B 103 -4.96 6.25 0.81
CA SER B 103 -5.59 6.83 1.99
C SER B 103 -4.66 7.81 2.71
N ALA B 104 -3.35 7.53 2.74
CA ALA B 104 -2.45 8.31 3.59
C ALA B 104 -2.26 9.72 3.04
N THR B 105 -1.80 9.84 1.79
CA THR B 105 -1.55 11.14 1.17
C THR B 105 -2.80 11.71 0.49
N GLY B 106 -3.84 10.90 0.32
CA GLY B 106 -5.01 11.33 -0.42
C GLY B 106 -4.91 11.27 -1.94
N TRP B 107 -3.85 10.67 -2.49
CA TRP B 107 -3.77 10.50 -3.93
C TRP B 107 -4.97 9.71 -4.44
N GLY B 108 -5.71 10.29 -5.40
CA GLY B 108 -6.95 9.74 -5.85
C GLY B 108 -8.17 10.37 -5.21
N LEU B 109 -7.99 11.08 -4.11
CA LEU B 109 -9.05 11.80 -3.40
C LEU B 109 -8.89 13.31 -3.54
N THR B 110 -7.66 13.82 -3.45
CA THR B 110 -7.42 15.26 -3.53
C THR B 110 -7.73 15.80 -4.93
N ASN B 111 -7.99 17.11 -4.99
CA ASN B 111 -8.21 17.73 -6.28
C ASN B 111 -6.96 17.71 -7.15
N GLU B 112 -5.78 17.86 -6.55
CA GLU B 112 -4.55 17.91 -7.32
C GLU B 112 -4.28 16.57 -8.00
N SER B 113 -4.48 15.47 -7.27
CA SER B 113 -4.25 14.16 -7.87
C SER B 113 -5.28 13.84 -8.94
N ARG B 114 -6.56 14.13 -8.67
CA ARG B 114 -7.59 13.77 -9.67
C ARG B 114 -7.44 14.60 -10.94
N HIS B 115 -6.96 15.83 -10.80
CA HIS B 115 -6.62 16.64 -11.98
C HIS B 115 -5.54 15.96 -12.83
N ILE B 116 -4.49 15.45 -12.18
CA ILE B 116 -3.43 14.75 -12.91
C ILE B 116 -3.96 13.47 -13.56
N MET B 117 -4.82 12.73 -12.86
CA MET B 117 -5.38 11.50 -13.40
C MET B 117 -6.42 11.74 -14.49
N GLY B 118 -7.01 12.93 -14.54
CA GLY B 118 -8.07 13.20 -15.51
C GLY B 118 -9.25 12.24 -15.31
N ASP B 119 -9.91 11.92 -16.43
CA ASP B 119 -11.08 11.03 -16.36
C ASP B 119 -10.73 9.67 -15.76
N SER B 120 -9.48 9.22 -15.90
CA SER B 120 -9.12 7.95 -15.30
C SER B 120 -9.10 7.97 -13.77
N ALA B 121 -9.34 9.12 -13.12
CA ALA B 121 -9.51 9.14 -11.67
C ALA B 121 -10.67 8.26 -11.20
N LYS B 122 -11.56 7.86 -12.11
CA LYS B 122 -12.67 6.95 -11.76
C LYS B 122 -12.21 5.52 -11.48
N PHE B 123 -10.98 5.15 -11.88
CA PHE B 123 -10.48 3.81 -11.65
C PHE B 123 -9.70 3.79 -10.36
N LEU B 124 -9.87 2.73 -9.58
CA LEU B 124 -9.14 2.58 -8.33
C LEU B 124 -8.00 1.58 -8.44
N ASN B 125 -7.69 1.11 -9.65
CA ASN B 125 -6.68 0.07 -9.83
C ASN B 125 -5.72 0.43 -10.95
N GLY B 126 -4.58 -0.25 -10.94
CA GLY B 126 -3.65 -0.24 -12.05
C GLY B 126 -2.82 -1.51 -12.01
N ASP B 127 -1.96 -1.67 -13.01
CA ASP B 127 -1.11 -2.86 -13.07
C ASP B 127 0.20 -2.41 -13.71
N CYS B 128 1.18 -2.07 -12.88
CA CYS B 128 2.43 -1.52 -13.40
C CYS B 128 3.60 -2.49 -13.30
N HIS B 129 4.44 -2.48 -14.34
CA HIS B 129 5.49 -3.52 -14.43
C HIS B 129 6.87 -2.94 -14.70
N HIS B 130 6.92 -1.85 -15.44
CA HIS B 130 8.20 -1.38 -16.01
C HIS B 130 8.58 0.05 -15.65
N PRO B 131 9.31 0.29 -14.54
CA PRO B 131 9.77 1.64 -14.20
C PRO B 131 11.10 1.98 -14.86
N HIS B 132 11.22 3.17 -15.47
CA HIS B 132 12.47 3.58 -16.12
C HIS B 132 12.72 5.06 -15.90
N ILE B 133 14.00 5.40 -15.77
CA ILE B 133 14.47 6.75 -15.43
C ILE B 133 14.96 7.46 -16.68
N SER B 134 14.59 8.75 -16.81
CA SER B 134 14.97 9.55 -17.97
C SER B 134 16.48 9.66 -18.09
N MET B 135 16.95 9.79 -19.34
CA MET B 135 18.37 9.76 -19.67
C MET B 135 18.76 10.95 -20.54
N THR B 136 20.02 11.35 -20.41
CA THR B 136 20.65 12.29 -21.31
C THR B 136 21.97 11.67 -21.71
N ASP B 137 22.17 11.53 -23.02
CA ASP B 137 23.38 10.95 -23.57
C ASP B 137 23.66 9.55 -23.00
N GLY B 138 22.60 8.77 -22.81
CA GLY B 138 22.79 7.39 -22.39
C GLY B 138 23.16 7.20 -20.94
N LYS B 139 22.93 8.22 -20.11
CA LYS B 139 23.12 8.15 -18.66
C LYS B 139 21.87 8.71 -17.99
N TYR B 140 21.53 8.16 -16.82
CA TYR B 140 20.40 8.68 -16.07
C TYR B 140 20.64 10.15 -15.71
N ASP B 141 19.62 10.97 -15.89
CA ASP B 141 19.70 12.36 -15.48
C ASP B 141 18.85 12.66 -14.26
N GLY B 142 18.08 11.68 -13.78
CA GLY B 142 17.39 11.81 -12.52
C GLY B 142 16.22 12.74 -12.52
N LYS B 143 15.70 13.12 -13.70
CA LYS B 143 14.58 14.04 -13.72
C LYS B 143 13.25 13.32 -13.51
N TYR B 144 13.00 12.26 -14.29
CA TYR B 144 11.69 11.63 -14.32
C TYR B 144 11.83 10.13 -14.24
N LEU B 145 10.81 9.50 -13.66
CA LEU B 145 10.56 8.08 -13.80
C LEU B 145 9.22 7.90 -14.50
N PHE B 146 9.15 6.96 -15.44
CA PHE B 146 7.90 6.63 -16.12
C PHE B 146 7.56 5.18 -15.86
N ILE B 147 6.26 4.87 -15.86
CA ILE B 147 5.80 3.50 -15.65
C ILE B 147 4.47 3.29 -16.39
N ASN B 148 4.21 2.03 -16.75
CA ASN B 148 3.03 1.65 -17.52
C ASN B 148 1.87 1.31 -16.59
N ASP B 149 0.67 1.25 -17.17
CA ASP B 149 -0.49 0.63 -16.54
C ASP B 149 -1.14 -0.29 -17.56
N LYS B 150 -1.00 -1.60 -17.36
CA LYS B 150 -1.61 -2.56 -18.25
C LYS B 150 -3.12 -2.66 -18.05
N ALA B 151 -3.59 -2.40 -16.83
CA ALA B 151 -5.00 -2.59 -16.51
C ALA B 151 -5.87 -1.56 -17.21
N ASN B 152 -5.50 -0.27 -17.12
CA ASN B 152 -6.33 0.78 -17.73
C ASN B 152 -5.60 1.62 -18.78
N SER B 153 -4.58 1.03 -19.43
CA SER B 153 -3.96 1.57 -20.64
C SER B 153 -3.38 2.97 -20.45
N ARG B 154 -2.51 3.11 -19.44
CA ARG B 154 -1.98 4.43 -19.11
C ARG B 154 -0.45 4.42 -19.07
N VAL B 155 0.11 5.62 -19.15
CA VAL B 155 1.51 5.88 -18.85
C VAL B 155 1.54 6.98 -17.80
N ALA B 156 2.41 6.83 -16.81
CA ALA B 156 2.53 7.84 -15.76
C ALA B 156 3.97 8.33 -15.66
N ARG B 157 4.10 9.60 -15.31
CA ARG B 157 5.39 10.21 -15.05
C ARG B 157 5.46 10.60 -13.58
N ILE B 158 6.62 10.30 -12.99
CA ILE B 158 6.92 10.66 -11.60
C ILE B 158 8.08 11.65 -11.64
N ARG B 159 7.92 12.78 -10.94
CA ARG B 159 8.97 13.77 -10.80
C ARG B 159 9.87 13.34 -9.65
N LEU B 160 11.14 13.06 -9.96
CA LEU B 160 12.05 12.50 -8.97
C LEU B 160 12.51 13.52 -7.92
N ASP B 161 12.27 14.82 -8.13
CA ASP B 161 12.63 15.79 -7.10
C ASP B 161 11.61 15.83 -5.96
N ILE B 162 10.33 15.64 -6.25
CA ILE B 162 9.29 15.61 -5.21
C ILE B 162 8.78 14.19 -4.94
N MET B 163 9.18 13.21 -5.74
CA MET B 163 8.75 11.81 -5.61
C MET B 163 7.23 11.70 -5.60
N LYS B 164 6.61 12.30 -6.62
CA LYS B 164 5.17 12.20 -6.83
C LYS B 164 4.92 12.08 -8.31
N CYS B 165 3.87 11.34 -8.65
CA CYS B 165 3.40 11.31 -10.03
C CYS B 165 2.86 12.69 -10.35
N ASP B 166 3.36 13.30 -11.42
CA ASP B 166 2.96 14.66 -11.78
C ASP B 166 2.21 14.73 -13.11
N LYS B 167 2.19 13.65 -13.89
CA LYS B 167 1.50 13.57 -15.19
C LYS B 167 1.06 12.13 -15.44
N MET B 168 -0.05 11.99 -16.15
CA MET B 168 -0.63 10.69 -16.50
C MET B 168 -1.38 10.87 -17.79
N ILE B 169 -1.33 9.85 -18.67
CA ILE B 169 -2.05 9.89 -19.94
C ILE B 169 -2.68 8.53 -20.18
N THR B 170 -3.94 8.53 -20.63
CA THR B 170 -4.56 7.32 -21.17
C THR B 170 -4.21 7.25 -22.65
N VAL B 171 -3.56 6.17 -23.06
CA VAL B 171 -3.12 6.04 -24.46
C VAL B 171 -4.35 5.78 -25.33
N PRO B 172 -4.59 6.61 -26.34
CA PRO B 172 -5.85 6.50 -27.10
C PRO B 172 -5.85 5.30 -28.06
N ASN B 173 -7.04 4.74 -28.25
CA ASN B 173 -7.30 3.73 -29.29
C ASN B 173 -6.47 2.45 -29.12
N VAL B 174 -6.13 2.08 -27.88
CA VAL B 174 -5.38 0.86 -27.59
C VAL B 174 -5.94 0.18 -26.35
N GLN B 175 -5.49 -1.07 -26.14
CA GLN B 175 -5.80 -1.79 -24.91
C GLN B 175 -4.53 -2.41 -24.35
N ALA B 176 -4.23 -2.08 -23.09
CA ALA B 176 -3.24 -2.70 -22.22
C ALA B 176 -1.82 -2.21 -22.48
N ILE B 177 -1.39 -1.14 -21.81
CA ILE B 177 -0.02 -0.66 -21.98
C ILE B 177 0.89 -1.53 -21.13
N HIS B 178 1.73 -2.32 -21.76
CA HIS B 178 2.61 -3.28 -21.06
C HIS B 178 4.06 -2.85 -21.18
N GLY B 179 4.79 -3.34 -22.17
CA GLY B 179 6.16 -2.91 -22.35
C GLY B 179 6.32 -1.40 -22.36
N LEU B 180 7.37 -0.90 -21.72
CA LEU B 180 7.65 0.54 -21.70
C LEU B 180 9.14 0.71 -21.44
N ARG B 181 9.79 1.55 -22.24
CA ARG B 181 11.17 1.96 -22.00
C ARG B 181 11.38 3.28 -22.71
N LEU B 182 12.55 3.87 -22.46
CA LEU B 182 12.82 5.25 -22.82
C LEU B 182 13.93 5.37 -23.85
N GLN B 183 13.77 6.32 -24.77
CA GLN B 183 14.87 6.70 -25.63
C GLN B 183 16.07 7.10 -24.77
N LYS B 184 17.26 6.71 -25.21
CA LYS B 184 18.49 6.97 -24.47
C LYS B 184 19.29 8.14 -25.02
N VAL B 185 19.26 8.34 -26.33
CA VAL B 185 20.20 9.24 -27.01
C VAL B 185 19.39 10.02 -28.04
N PRO B 186 19.60 11.34 -28.15
CA PRO B 186 20.57 12.12 -27.35
C PRO B 186 20.07 12.36 -25.92
N HIS B 187 18.79 12.09 -25.68
CA HIS B 187 18.16 12.12 -24.35
C HIS B 187 16.78 11.48 -24.49
N THR B 188 16.05 11.41 -23.38
CA THR B 188 14.70 10.86 -23.38
C THR B 188 13.71 11.88 -23.95
N LYS B 189 13.69 11.99 -25.28
CA LYS B 189 12.62 12.74 -25.92
C LYS B 189 11.31 11.97 -25.92
N TYR B 190 11.37 10.67 -26.29
CA TYR B 190 10.21 9.80 -26.35
C TYR B 190 10.20 8.78 -25.24
N VAL B 191 9.00 8.50 -24.74
CA VAL B 191 8.69 7.31 -23.96
C VAL B 191 8.04 6.35 -24.92
N PHE B 192 8.58 5.14 -25.04
CA PHE B 192 8.04 4.11 -25.93
C PHE B 192 7.20 3.13 -25.11
N ALA B 193 5.99 2.83 -25.59
CA ALA B 193 5.09 1.99 -24.85
C ALA B 193 4.34 1.03 -25.78
N ASN B 194 4.22 -0.23 -25.38
CA ASN B 194 3.55 -1.24 -26.17
C ASN B 194 2.11 -1.38 -25.74
N ALA B 195 1.19 -1.46 -26.71
CA ALA B 195 -0.18 -1.90 -26.43
C ALA B 195 -0.26 -3.38 -26.77
N GLU B 196 -0.57 -4.22 -25.75
CA GLU B 196 -0.37 -5.66 -25.90
C GLU B 196 -1.43 -6.36 -26.72
N PHE B 197 -2.69 -5.91 -26.70
CA PHE B 197 -3.79 -6.71 -27.21
C PHE B 197 -4.35 -6.15 -28.50
N ILE B 198 -4.59 -7.04 -29.47
CA ILE B 198 -5.19 -6.67 -30.75
C ILE B 198 -6.67 -6.34 -30.57
N ILE B 199 -7.10 -5.20 -31.11
CA ILE B 199 -8.52 -4.81 -31.04
C ILE B 199 -9.01 -4.28 -32.39
N PRO B 200 -10.32 -4.31 -32.62
CA PRO B 200 -10.90 -3.71 -33.83
C PRO B 200 -10.83 -2.20 -33.84
N HIS B 201 -10.73 -1.65 -35.04
CA HIS B 201 -10.69 -0.19 -35.24
C HIS B 201 -11.68 0.16 -36.35
N PRO B 202 -12.80 0.83 -36.03
CA PRO B 202 -13.14 1.23 -34.67
C PRO B 202 -13.61 0.05 -33.84
N ASN B 203 -13.57 0.20 -32.52
CA ASN B 203 -14.00 -0.87 -31.62
C ASN B 203 -15.41 -0.58 -31.15
N ASP B 204 -16.34 -0.63 -32.12
CA ASP B 204 -17.71 -0.19 -31.89
C ASP B 204 -18.71 -1.33 -31.71
N GLY B 205 -18.25 -2.58 -31.71
CA GLY B 205 -19.14 -3.72 -31.52
C GLY B 205 -19.68 -4.34 -32.78
N LYS B 206 -19.33 -3.82 -33.96
CA LYS B 206 -19.77 -4.43 -35.21
C LYS B 206 -18.84 -5.54 -35.69
N VAL B 207 -17.55 -5.47 -35.37
CA VAL B 207 -16.58 -6.49 -35.75
C VAL B 207 -15.79 -6.87 -34.50
N PHE B 208 -15.67 -8.17 -34.24
CA PHE B 208 -14.83 -8.66 -33.15
C PHE B 208 -13.63 -9.48 -33.63
N ASP B 209 -13.58 -9.84 -34.90
CA ASP B 209 -12.58 -10.77 -35.41
C ASP B 209 -11.19 -10.14 -35.34
N LEU B 210 -10.25 -10.81 -34.67
CA LEU B 210 -8.89 -10.32 -34.66
C LEU B 210 -8.23 -10.37 -36.03
N GLN B 211 -8.78 -11.16 -36.96
CA GLN B 211 -8.22 -11.30 -38.30
C GLN B 211 -8.75 -10.27 -39.27
N ASP B 212 -9.71 -9.44 -38.88
CA ASP B 212 -10.17 -8.37 -39.74
C ASP B 212 -9.00 -7.45 -40.10
N GLU B 213 -9.05 -6.89 -41.31
CA GLU B 213 -7.95 -6.03 -41.73
C GLU B 213 -7.85 -4.76 -40.89
N ASN B 214 -8.87 -4.42 -40.11
CA ASN B 214 -8.83 -3.24 -39.25
C ASN B 214 -8.67 -3.60 -37.77
N SER B 215 -8.38 -4.86 -37.46
CA SER B 215 -8.04 -5.27 -36.11
C SER B 215 -6.52 -5.30 -35.99
N TYR B 216 -5.97 -4.56 -35.02
CA TYR B 216 -4.53 -4.52 -34.81
C TYR B 216 -4.25 -3.87 -33.46
N THR B 217 -2.99 -3.88 -33.07
CA THR B 217 -2.48 -3.06 -31.99
C THR B 217 -1.44 -2.06 -32.53
N MET B 218 -0.93 -1.19 -31.66
CA MET B 218 -0.03 -0.12 -32.08
C MET B 218 1.10 0.10 -31.08
N TYR B 219 2.25 0.48 -31.60
CA TYR B 219 3.38 0.96 -30.79
C TYR B 219 3.17 2.44 -30.52
N ASN B 220 3.53 2.89 -29.34
CA ASN B 220 3.16 4.22 -28.88
C ASN B 220 4.38 5.00 -28.44
N ALA B 221 4.51 6.25 -28.91
CA ALA B 221 5.54 7.16 -28.47
C ALA B 221 4.85 8.35 -27.80
N ILE B 222 5.24 8.61 -26.55
CA ILE B 222 4.73 9.72 -25.77
C ILE B 222 5.86 10.74 -25.62
N ASP B 223 5.55 12.02 -25.81
CA ASP B 223 6.54 13.06 -25.56
C ASP B 223 6.85 13.12 -24.06
N ALA B 224 8.11 12.85 -23.70
CA ALA B 224 8.45 12.72 -22.28
C ALA B 224 8.19 14.02 -21.51
N GLU B 225 8.45 15.17 -22.14
CA GLU B 225 8.31 16.44 -21.41
C GLU B 225 6.87 16.92 -21.37
N THR B 226 6.15 16.81 -22.48
CA THR B 226 4.77 17.26 -22.47
C THR B 226 3.81 16.20 -21.95
N MET B 227 4.19 14.93 -21.98
CA MET B 227 3.30 13.83 -21.62
C MET B 227 2.02 13.84 -22.45
N GLU B 228 2.15 14.26 -23.70
CA GLU B 228 1.14 14.09 -24.73
C GLU B 228 1.64 13.07 -25.74
N MET B 229 0.70 12.44 -26.43
CA MET B 229 1.06 11.51 -27.49
C MET B 229 1.91 12.22 -28.54
N ALA B 230 2.95 11.53 -29.03
CA ALA B 230 3.74 11.97 -30.18
C ALA B 230 3.35 11.27 -31.47
N PHE B 231 3.26 9.93 -31.45
CA PHE B 231 2.81 9.17 -32.61
C PHE B 231 2.49 7.75 -32.18
N GLN B 232 1.81 7.05 -33.06
CA GLN B 232 1.54 5.63 -32.91
C GLN B 232 1.85 4.93 -34.23
N VAL B 233 2.35 3.71 -34.14
CA VAL B 233 2.69 2.91 -35.32
C VAL B 233 1.89 1.62 -35.29
N ILE B 234 1.01 1.43 -36.27
CA ILE B 234 0.29 0.17 -36.43
C ILE B 234 1.28 -0.93 -36.77
N VAL B 235 1.14 -2.08 -36.11
CA VAL B 235 2.00 -3.22 -36.35
C VAL B 235 1.18 -4.47 -36.66
N ASP B 236 1.82 -5.41 -37.34
CA ASP B 236 1.31 -6.77 -37.40
C ASP B 236 1.54 -7.43 -36.04
N GLY B 237 0.88 -8.58 -35.83
CA GLY B 237 1.10 -9.28 -34.57
C GLY B 237 0.68 -8.45 -33.37
N ASN B 238 1.45 -8.57 -32.29
CA ASN B 238 1.20 -7.79 -31.08
C ASN B 238 2.53 -7.32 -30.54
N LEU B 239 2.52 -6.80 -29.30
CA LEU B 239 3.66 -6.15 -28.70
C LEU B 239 3.80 -6.62 -27.26
N ASP B 240 5.03 -6.95 -26.85
CA ASP B 240 5.25 -7.44 -25.49
C ASP B 240 6.14 -6.47 -24.71
N ASN B 241 7.46 -6.60 -24.81
CA ASN B 241 8.37 -5.66 -24.17
C ASN B 241 9.11 -4.85 -25.23
N THR B 242 9.84 -3.81 -24.80
CA THR B 242 10.49 -2.91 -25.75
C THR B 242 11.76 -2.31 -25.16
N ASP B 243 12.69 -1.91 -26.04
CA ASP B 243 13.84 -1.11 -25.64
C ASP B 243 14.28 -0.24 -26.83
N ALA B 244 15.27 0.60 -26.58
CA ALA B 244 15.76 1.56 -27.55
C ALA B 244 17.27 1.47 -27.64
N ASP B 245 17.82 1.94 -28.77
CA ASP B 245 19.26 1.89 -29.02
C ASP B 245 19.97 3.07 -28.33
N TYR B 246 21.25 3.27 -28.66
CA TYR B 246 22.05 4.38 -28.18
C TYR B 246 22.34 5.41 -29.28
N THR B 247 21.47 5.51 -30.29
CA THR B 247 21.57 6.54 -31.31
C THR B 247 20.33 7.42 -31.43
N GLY B 248 19.16 6.93 -31.01
CA GLY B 248 17.92 7.63 -31.24
C GLY B 248 17.20 7.21 -32.49
N ARG B 249 17.84 6.45 -33.36
CA ARG B 249 17.19 6.06 -34.60
C ARG B 249 16.26 4.85 -34.42
N PHE B 250 16.65 3.87 -33.60
CA PHE B 250 15.96 2.59 -33.57
C PHE B 250 15.38 2.28 -32.20
N ALA B 251 14.18 1.69 -32.21
CA ALA B 251 13.60 1.02 -31.06
C ALA B 251 13.15 -0.36 -31.53
N ALA B 252 12.90 -1.25 -30.57
CA ALA B 252 12.52 -2.61 -30.93
C ALA B 252 11.54 -3.14 -29.90
N ALA B 253 10.70 -4.07 -30.34
CA ALA B 253 9.73 -4.70 -29.44
C ALA B 253 9.56 -6.16 -29.82
N THR B 254 9.38 -7.01 -28.80
CA THR B 254 9.05 -8.41 -29.01
C THR B 254 7.57 -8.55 -29.30
N CYS B 255 7.24 -9.63 -30.01
CA CYS B 255 5.86 -9.98 -30.30
C CYS B 255 5.69 -11.47 -30.04
N TYR B 256 4.58 -11.84 -29.40
CA TYR B 256 4.28 -13.26 -29.19
C TYR B 256 3.03 -13.75 -29.92
N ASN B 257 2.22 -12.87 -30.48
CA ASN B 257 0.98 -13.29 -31.11
C ASN B 257 0.96 -12.86 -32.57
N SER B 258 2.04 -13.21 -33.29
CA SER B 258 2.08 -13.02 -34.73
C SER B 258 0.91 -13.75 -35.42
N GLU B 259 0.32 -14.71 -34.73
CA GLU B 259 -0.81 -15.49 -35.22
C GLU B 259 -2.13 -14.75 -35.18
N LYS B 260 -2.20 -13.63 -34.45
CA LYS B 260 -3.45 -12.90 -34.25
C LYS B 260 -4.54 -13.81 -33.71
N ALA B 261 -4.18 -14.64 -32.74
CA ALA B 261 -5.07 -15.63 -32.15
C ALA B 261 -5.58 -15.17 -30.79
N PHE B 262 -6.60 -15.87 -30.28
CA PHE B 262 -7.12 -15.56 -28.95
C PHE B 262 -7.04 -16.71 -27.97
N ASP B 263 -6.71 -17.91 -28.43
CA ASP B 263 -6.60 -19.10 -27.59
C ASP B 263 -5.12 -19.43 -27.40
N LEU B 264 -4.85 -20.27 -26.38
CA LEU B 264 -3.47 -20.63 -26.06
C LEU B 264 -2.77 -21.35 -27.21
N GLY B 265 -3.45 -22.32 -27.84
CA GLY B 265 -2.81 -23.04 -28.94
C GLY B 265 -2.52 -22.14 -30.12
N GLY B 266 -3.49 -21.32 -30.50
CA GLY B 266 -3.27 -20.41 -31.61
C GLY B 266 -2.07 -19.50 -31.37
N MET B 267 -1.96 -18.96 -30.15
CA MET B 267 -0.86 -18.04 -29.87
C MET B 267 0.51 -18.72 -29.86
N MET B 268 0.55 -20.05 -29.75
CA MET B 268 1.81 -20.78 -29.75
C MET B 268 2.07 -21.48 -31.08
N ARG B 269 1.26 -21.23 -32.10
CA ARG B 269 1.28 -22.06 -33.30
C ARG B 269 2.60 -21.90 -34.07
N ASN B 270 3.03 -20.66 -34.31
CA ASN B 270 4.20 -20.42 -35.16
C ASN B 270 5.49 -20.75 -34.41
N GLU B 271 6.44 -21.39 -35.11
CA GLU B 271 7.76 -21.63 -34.54
C GLU B 271 8.50 -20.33 -34.25
N ARG B 272 8.26 -19.30 -35.05
CA ARG B 272 8.84 -17.99 -34.75
C ARG B 272 7.77 -16.91 -34.78
N ASP B 273 7.85 -16.00 -33.83
CA ASP B 273 7.24 -14.68 -33.95
C ASP B 273 8.31 -13.70 -34.44
N TRP B 274 8.55 -12.58 -33.77
CA TRP B 274 9.56 -11.66 -34.27
C TRP B 274 9.80 -10.61 -33.22
N VAL B 275 10.89 -9.89 -33.38
CA VAL B 275 10.98 -8.56 -32.83
C VAL B 275 10.79 -7.57 -33.97
N VAL B 276 9.91 -6.61 -33.77
CA VAL B 276 9.70 -5.57 -34.76
C VAL B 276 10.62 -4.41 -34.41
N VAL B 277 11.37 -3.94 -35.41
CA VAL B 277 12.29 -2.82 -35.25
C VAL B 277 11.67 -1.60 -35.89
N PHE B 278 11.79 -0.47 -35.23
CA PHE B 278 11.19 0.79 -35.69
C PHE B 278 12.30 1.75 -36.08
N ASP B 279 12.20 2.31 -37.29
CA ASP B 279 13.05 3.41 -37.72
C ASP B 279 12.36 4.71 -37.33
N ILE B 280 12.73 5.21 -36.14
CA ILE B 280 12.14 6.44 -35.61
C ILE B 280 12.42 7.64 -36.51
N HIS B 281 13.59 7.68 -37.17
CA HIS B 281 13.88 8.73 -38.14
C HIS B 281 12.82 8.75 -39.25
N ALA B 282 12.46 7.56 -39.75
CA ALA B 282 11.45 7.50 -40.81
C ALA B 282 10.09 7.94 -40.29
N VAL B 283 9.72 7.49 -39.09
CA VAL B 283 8.47 7.92 -38.47
C VAL B 283 8.43 9.43 -38.31
N GLU B 284 9.50 10.00 -37.74
CA GLU B 284 9.57 11.46 -37.56
C GLU B 284 9.48 12.18 -38.89
N ALA B 285 10.15 11.66 -39.93
CA ALA B 285 10.10 12.34 -41.22
C ALA B 285 8.71 12.27 -41.84
N ALA B 286 8.01 11.15 -41.63
CA ALA B 286 6.64 11.07 -42.13
C ALA B 286 5.71 11.99 -41.36
N VAL B 287 5.92 12.13 -40.06
CA VAL B 287 5.07 13.00 -39.28
C VAL B 287 5.25 14.45 -39.70
N LYS B 288 6.49 14.87 -39.97
CA LYS B 288 6.64 16.27 -40.37
C LYS B 288 6.12 16.46 -41.79
N ALA B 289 6.28 15.46 -42.64
CA ALA B 289 5.74 15.59 -43.99
C ALA B 289 4.23 15.49 -44.02
N GLY B 290 3.59 15.27 -42.87
CA GLY B 290 2.15 15.17 -42.82
C GLY B 290 1.59 13.88 -43.37
N ASP B 291 2.43 12.87 -43.58
CA ASP B 291 1.99 11.61 -44.15
C ASP B 291 1.59 10.69 -43.00
N PHE B 292 0.36 10.88 -42.52
CA PHE B 292 -0.20 10.04 -41.47
C PHE B 292 -1.71 10.17 -41.48
N ILE B 293 -2.36 9.29 -40.72
CA ILE B 293 -3.80 9.34 -40.50
C ILE B 293 -4.07 9.53 -39.00
N THR B 294 -5.34 9.73 -38.66
CA THR B 294 -5.77 9.79 -37.27
C THR B 294 -6.93 8.82 -37.07
N LEU B 295 -7.09 8.36 -35.82
CA LEU B 295 -8.09 7.37 -35.46
C LEU B 295 -9.09 7.96 -34.48
N GLY B 296 -10.37 7.77 -34.77
CA GLY B 296 -11.41 8.29 -33.90
C GLY B 296 -11.27 9.78 -33.69
N ASP B 297 -11.49 10.21 -32.45
CA ASP B 297 -11.40 11.61 -32.05
C ASP B 297 -9.99 12.02 -31.66
N SER B 298 -9.04 11.08 -31.68
CA SER B 298 -7.66 11.39 -31.34
C SER B 298 -6.99 12.11 -32.50
N LYS B 299 -6.15 13.08 -32.16
CA LYS B 299 -5.36 13.79 -33.16
C LYS B 299 -3.95 13.24 -33.29
N THR B 300 -3.66 12.14 -32.59
CA THR B 300 -2.33 11.57 -32.62
C THR B 300 -2.00 11.10 -34.04
N PRO B 301 -0.84 11.47 -34.58
CA PRO B 301 -0.41 10.89 -35.86
C PRO B 301 -0.29 9.37 -35.76
N VAL B 302 -0.92 8.69 -36.71
CA VAL B 302 -0.88 7.23 -36.79
C VAL B 302 -0.19 6.84 -38.09
N LEU B 303 0.88 6.05 -37.99
CA LEU B 303 1.59 5.55 -39.16
C LEU B 303 1.40 4.03 -39.27
N ASP B 304 1.48 3.53 -40.51
CA ASP B 304 1.18 2.12 -40.80
C ASP B 304 2.47 1.33 -40.96
N GLY B 305 2.85 0.58 -39.92
CA GLY B 305 4.03 -0.26 -39.94
C GLY B 305 3.77 -1.71 -40.26
N ARG B 306 2.58 -2.06 -40.76
CA ARG B 306 2.31 -3.43 -41.18
C ARG B 306 2.92 -3.69 -42.55
N LYS B 307 3.26 -4.95 -42.79
CA LYS B 307 3.55 -5.36 -44.16
C LYS B 307 2.26 -5.34 -44.97
N LYS B 308 2.39 -5.03 -46.25
CA LYS B 308 1.25 -5.05 -47.16
C LYS B 308 1.64 -5.92 -48.34
N ASP B 309 1.00 -7.08 -48.47
CA ASP B 309 1.29 -8.07 -49.50
C ASP B 309 2.79 -8.45 -49.52
N GLY B 310 3.32 -8.76 -48.32
CA GLY B 310 4.71 -9.14 -48.19
C GLY B 310 5.71 -8.01 -48.27
N LYS B 311 5.29 -6.79 -48.58
CA LYS B 311 6.20 -5.66 -48.74
C LYS B 311 6.29 -4.89 -47.43
N ASP B 312 7.51 -4.51 -47.06
CA ASP B 312 7.73 -3.83 -45.79
C ASP B 312 7.29 -2.38 -45.85
N SER B 313 6.85 -1.87 -44.72
CA SER B 313 6.62 -0.45 -44.65
C SER B 313 7.96 0.24 -44.42
N LYS B 314 7.96 1.58 -44.59
CA LYS B 314 9.15 2.38 -44.33
C LYS B 314 9.50 2.45 -42.85
N PHE B 315 8.57 2.09 -41.97
CA PHE B 315 8.75 2.33 -40.55
C PHE B 315 9.24 1.12 -39.78
N THR B 316 9.12 -0.08 -40.33
CA THR B 316 9.32 -1.27 -39.52
C THR B 316 10.04 -2.34 -40.33
N ARG B 317 10.78 -3.18 -39.61
CA ARG B 317 11.27 -4.45 -40.12
C ARG B 317 10.92 -5.51 -39.10
N TYR B 318 10.54 -6.70 -39.57
CA TYR B 318 10.19 -7.80 -38.68
C TYR B 318 11.28 -8.87 -38.75
N VAL B 319 11.92 -9.14 -37.62
CA VAL B 319 13.04 -10.07 -37.53
C VAL B 319 12.51 -11.36 -36.89
N PRO B 320 12.36 -12.45 -37.63
CA PRO B 320 11.81 -13.68 -37.03
C PRO B 320 12.64 -14.14 -35.83
N VAL B 321 11.94 -14.34 -34.71
CA VAL B 321 12.57 -14.75 -33.44
C VAL B 321 11.70 -15.80 -32.76
N PRO B 322 12.27 -16.91 -32.31
CA PRO B 322 11.51 -17.88 -31.51
C PRO B 322 11.62 -17.60 -30.02
N LYS B 323 10.57 -17.94 -29.27
CA LYS B 323 9.25 -18.37 -29.77
C LYS B 323 8.29 -17.88 -28.69
N ASN B 324 7.34 -17.05 -29.08
CA ASN B 324 6.63 -16.18 -28.14
C ASN B 324 7.64 -15.44 -27.26
N PRO B 325 8.63 -14.76 -27.88
CA PRO B 325 9.68 -14.09 -27.09
C PRO B 325 9.13 -13.00 -26.19
N HIS B 326 9.89 -12.71 -25.16
CA HIS B 326 9.40 -11.80 -24.09
C HIS B 326 10.33 -10.59 -23.89
N GLY B 327 11.30 -10.73 -23.03
CA GLY B 327 12.20 -9.61 -22.77
C GLY B 327 12.83 -9.10 -24.04
N CYS B 328 13.10 -7.79 -24.06
CA CYS B 328 13.70 -7.11 -25.19
C CYS B 328 14.62 -6.08 -24.54
N ASN B 329 15.93 -6.34 -24.56
CA ASN B 329 16.88 -5.59 -23.73
C ASN B 329 18.07 -5.13 -24.56
N THR B 330 18.37 -3.83 -24.48
CA THR B 330 19.52 -3.25 -25.18
C THR B 330 20.78 -3.43 -24.34
N SER B 331 21.81 -4.04 -24.92
CA SER B 331 23.08 -4.18 -24.21
C SER B 331 23.69 -2.80 -23.94
N SER B 332 24.42 -2.70 -22.81
CA SER B 332 24.91 -1.41 -22.32
C SER B 332 26.02 -0.84 -23.21
N ASP B 333 26.65 -1.66 -24.05
CA ASP B 333 27.60 -1.17 -25.04
C ASP B 333 26.92 -0.76 -26.33
N GLY B 334 25.60 -0.85 -26.40
CA GLY B 334 24.84 -0.40 -27.54
C GLY B 334 24.85 -1.32 -28.74
N LYS B 335 25.43 -2.51 -28.62
CA LYS B 335 25.59 -3.36 -29.80
C LYS B 335 24.35 -4.15 -30.15
N TYR B 336 23.55 -4.55 -29.16
CA TYR B 336 22.57 -5.59 -29.38
C TYR B 336 21.22 -5.23 -28.77
N PHE B 337 20.15 -5.55 -29.50
CA PHE B 337 18.85 -5.83 -28.90
C PHE B 337 18.86 -7.33 -28.62
N ILE B 338 18.56 -7.73 -27.39
CA ILE B 338 18.57 -9.13 -27.01
C ILE B 338 17.16 -9.54 -26.63
N ALA B 339 16.58 -10.46 -27.39
CA ALA B 339 15.23 -10.93 -27.14
C ALA B 339 15.30 -12.26 -26.40
N ALA B 340 14.55 -12.39 -25.30
CA ALA B 340 14.51 -13.62 -24.55
C ALA B 340 13.44 -14.54 -25.13
N GLY B 341 13.83 -15.77 -25.49
CA GLY B 341 13.05 -16.67 -26.34
C GLY B 341 11.88 -17.38 -25.69
N LYS B 342 11.77 -17.32 -24.35
CA LYS B 342 10.70 -17.92 -23.56
C LYS B 342 10.39 -19.39 -23.89
N LEU B 343 9.52 -19.64 -24.87
CA LEU B 343 9.24 -21.03 -25.23
C LEU B 343 10.37 -21.66 -26.02
N SER B 344 11.28 -20.86 -26.57
CA SER B 344 12.54 -21.35 -27.11
C SER B 344 13.64 -21.15 -26.06
N PRO B 345 14.50 -22.15 -25.85
CA PRO B 345 15.45 -22.05 -24.75
C PRO B 345 16.65 -21.17 -25.10
N THR B 346 16.40 -20.00 -25.69
CA THR B 346 17.46 -19.21 -26.30
C THR B 346 17.21 -17.74 -26.04
N CYS B 347 18.22 -16.93 -26.35
CA CYS B 347 18.06 -15.51 -26.58
C CYS B 347 18.54 -15.24 -27.99
N SER B 348 17.98 -14.22 -28.63
CA SER B 348 18.35 -13.84 -29.99
C SER B 348 18.94 -12.44 -29.96
N MET B 349 20.12 -12.30 -30.55
CA MET B 349 20.89 -11.07 -30.48
C MET B 349 20.82 -10.37 -31.84
N ILE B 350 20.16 -9.22 -31.88
CA ILE B 350 20.08 -8.40 -33.09
C ILE B 350 21.18 -7.36 -33.03
N ALA B 351 22.10 -7.40 -34.00
CA ALA B 351 23.21 -6.47 -34.03
C ALA B 351 22.69 -5.13 -34.51
N ILE B 352 22.63 -4.15 -33.60
CA ILE B 352 22.15 -2.81 -33.95
C ILE B 352 22.99 -2.21 -35.08
N ASP B 353 24.24 -2.65 -35.21
CA ASP B 353 25.11 -2.29 -36.34
C ASP B 353 24.40 -2.48 -37.67
N LYS B 354 23.71 -3.59 -37.82
CA LYS B 354 23.23 -4.04 -39.11
C LYS B 354 21.87 -3.49 -39.46
N LEU B 355 21.22 -2.81 -38.52
CA LEU B 355 19.89 -2.27 -38.79
C LEU B 355 19.86 -1.25 -39.94
N PRO B 356 20.79 -0.29 -40.06
CA PRO B 356 20.73 0.61 -41.24
C PRO B 356 20.72 -0.17 -42.55
N ASP B 357 21.59 -1.17 -42.67
CA ASP B 357 21.60 -1.99 -43.88
C ASP B 357 20.28 -2.73 -44.07
N LEU B 358 19.71 -3.25 -42.99
CA LEU B 358 18.43 -3.94 -43.12
C LEU B 358 17.34 -3.00 -43.62
N PHE B 359 17.30 -1.76 -43.12
CA PHE B 359 16.29 -0.81 -43.56
C PHE B 359 16.58 -0.25 -44.94
N ALA B 360 17.82 -0.34 -45.39
CA ALA B 360 18.17 0.09 -46.74
C ALA B 360 18.02 -1.03 -47.76
N GLY B 361 17.59 -2.22 -47.34
CA GLY B 361 17.43 -3.30 -48.28
C GLY B 361 18.70 -3.96 -48.72
N LYS B 362 19.79 -3.81 -47.97
CA LYS B 362 21.06 -4.40 -48.35
C LYS B 362 21.24 -5.82 -47.84
N LEU B 363 20.23 -6.40 -47.20
CA LEU B 363 20.29 -7.73 -46.64
C LEU B 363 19.22 -8.60 -47.29
N ALA B 364 19.53 -9.89 -47.47
CA ALA B 364 18.62 -10.78 -48.19
C ALA B 364 17.49 -11.28 -47.31
N ASP B 365 17.67 -11.26 -45.99
CA ASP B 365 16.83 -11.99 -45.09
C ASP B 365 16.88 -11.16 -43.81
N PRO B 366 15.73 -10.81 -43.24
CA PRO B 366 15.75 -10.09 -41.95
C PRO B 366 16.48 -10.84 -40.87
N ARG B 367 16.59 -12.16 -40.97
CA ARG B 367 17.39 -12.93 -40.01
C ARG B 367 18.86 -12.56 -40.06
N ASP B 368 19.32 -11.97 -41.17
CA ASP B 368 20.74 -11.64 -41.30
C ASP B 368 21.24 -10.66 -40.24
N VAL B 369 20.33 -9.91 -39.60
CA VAL B 369 20.73 -9.04 -38.49
C VAL B 369 20.87 -9.80 -37.18
N ILE B 370 20.47 -11.07 -37.13
CA ILE B 370 20.72 -11.90 -35.96
C ILE B 370 22.16 -12.38 -36.04
N VAL B 371 22.95 -12.10 -35.00
CA VAL B 371 24.36 -12.45 -34.96
C VAL B 371 24.68 -13.38 -33.81
N GLY B 372 23.70 -13.71 -32.98
CA GLY B 372 23.86 -14.69 -31.91
C GLY B 372 22.50 -15.22 -31.51
N GLU B 373 22.44 -16.51 -31.20
CA GLU B 373 21.23 -17.15 -30.67
C GLU B 373 21.64 -18.20 -29.65
N PRO B 374 22.28 -17.79 -28.55
CA PRO B 374 22.82 -18.79 -27.61
C PRO B 374 21.70 -19.58 -26.95
N GLU B 375 21.92 -20.90 -26.85
CA GLU B 375 21.06 -21.76 -26.06
C GLU B 375 21.47 -21.64 -24.60
N LEU B 376 20.51 -21.34 -23.73
CA LEU B 376 20.80 -20.96 -22.36
C LEU B 376 20.08 -21.80 -21.32
N GLY B 377 18.86 -22.24 -21.60
CA GLY B 377 18.11 -23.02 -20.63
C GLY B 377 16.62 -22.79 -20.82
N LEU B 378 15.85 -23.38 -19.92
CA LEU B 378 14.40 -23.45 -20.08
C LEU B 378 13.73 -22.16 -19.59
N GLY B 379 12.99 -21.51 -20.49
CA GLY B 379 12.18 -20.35 -20.18
C GLY B 379 12.89 -19.02 -20.00
N PRO B 380 13.77 -18.65 -20.93
CA PRO B 380 14.42 -17.32 -20.82
C PRO B 380 13.40 -16.19 -20.93
N LEU B 381 13.42 -15.29 -19.95
CA LEU B 381 12.45 -14.20 -19.90
C LEU B 381 13.04 -12.81 -20.03
N ALA B 382 14.21 -12.53 -19.46
CA ALA B 382 14.77 -11.19 -19.52
C ALA B 382 16.28 -11.26 -19.40
N THR B 383 16.94 -10.19 -19.87
CA THR B 383 18.40 -10.12 -19.90
C THR B 383 18.85 -8.77 -19.34
N THR B 384 19.94 -8.77 -18.59
CA THR B 384 20.58 -7.54 -18.10
C THR B 384 22.09 -7.64 -18.28
N PHE B 385 22.83 -6.60 -17.87
CA PHE B 385 24.21 -6.43 -18.30
C PHE B 385 25.06 -5.87 -17.17
N ASP B 386 26.29 -6.40 -17.05
CA ASP B 386 27.23 -5.92 -16.05
C ASP B 386 28.18 -4.84 -16.57
N GLY B 387 28.12 -4.51 -17.86
CA GLY B 387 29.07 -3.57 -18.41
C GLY B 387 30.49 -4.11 -18.60
N ARG B 388 30.72 -5.39 -18.35
CA ARG B 388 32.01 -6.03 -18.60
C ARG B 388 31.94 -7.03 -19.76
N GLY B 389 30.87 -7.01 -20.54
CA GLY B 389 30.70 -7.90 -21.65
C GLY B 389 29.91 -9.16 -21.35
N ASN B 390 29.41 -9.29 -20.14
CA ASN B 390 28.56 -10.42 -19.76
C ASN B 390 27.09 -10.01 -19.75
N ALA B 391 26.23 -10.93 -20.14
CA ALA B 391 24.80 -10.78 -19.98
C ALA B 391 24.30 -11.77 -18.94
N TYR B 392 23.17 -11.44 -18.35
CA TYR B 392 22.56 -12.25 -17.30
C TYR B 392 21.09 -12.40 -17.67
N THR B 393 20.61 -13.65 -17.71
CA THR B 393 19.30 -13.97 -18.26
C THR B 393 18.53 -14.81 -17.25
N THR B 394 17.27 -14.45 -17.00
CA THR B 394 16.43 -15.27 -16.15
C THR B 394 15.95 -16.49 -16.93
N LEU B 395 15.98 -17.64 -16.30
CA LEU B 395 15.37 -18.87 -16.82
C LEU B 395 14.18 -19.18 -15.92
N PHE B 396 12.97 -18.85 -16.39
CA PHE B 396 11.78 -19.02 -15.56
C PHE B 396 11.56 -20.48 -15.20
N ILE B 397 11.72 -21.38 -16.16
CA ILE B 397 11.39 -22.78 -15.92
C ILE B 397 12.47 -23.44 -15.09
N ASP B 398 13.73 -23.32 -15.52
CA ASP B 398 14.85 -23.88 -14.76
C ASP B 398 15.10 -23.15 -13.45
N SER B 399 14.47 -22.00 -13.23
CA SER B 399 14.56 -21.25 -11.97
C SER B 399 16.00 -20.82 -11.67
N GLN B 400 16.63 -20.14 -12.63
CA GLN B 400 18.02 -19.75 -12.49
C GLN B 400 18.26 -18.41 -13.16
N VAL B 401 19.42 -17.84 -12.84
CA VAL B 401 20.01 -16.74 -13.60
C VAL B 401 21.26 -17.32 -14.24
N VAL B 402 21.36 -17.19 -15.57
CA VAL B 402 22.51 -17.68 -16.32
C VAL B 402 23.34 -16.49 -16.78
N LYS B 403 24.61 -16.47 -16.39
CA LYS B 403 25.55 -15.45 -16.78
C LYS B 403 26.28 -15.92 -18.03
N TRP B 404 26.31 -15.10 -19.07
CA TRP B 404 26.92 -15.51 -20.32
C TRP B 404 27.64 -14.34 -20.97
N ASN B 405 28.62 -14.68 -21.79
CA ASN B 405 29.48 -13.70 -22.45
C ASN B 405 28.95 -13.45 -23.87
N MET B 406 28.61 -12.19 -24.15
CA MET B 406 27.90 -11.89 -25.39
C MET B 406 28.77 -12.12 -26.61
N GLU B 407 30.04 -11.71 -26.55
CA GLU B 407 30.93 -11.89 -27.71
C GLU B 407 31.21 -13.36 -28.01
N GLU B 408 31.28 -14.21 -26.97
CA GLU B 408 31.50 -15.63 -27.20
C GLU B 408 30.26 -16.31 -27.79
N ALA B 409 29.07 -15.87 -27.39
CA ALA B 409 27.87 -16.38 -28.03
C ALA B 409 27.83 -15.99 -29.50
N VAL B 410 28.29 -14.77 -29.81
CA VAL B 410 28.38 -14.33 -31.20
C VAL B 410 29.34 -15.23 -31.97
N ARG B 411 30.48 -15.56 -31.37
CA ARG B 411 31.43 -16.45 -32.03
C ARG B 411 30.84 -17.85 -32.18
N ALA B 412 30.12 -18.33 -31.17
CA ALA B 412 29.53 -19.65 -31.28
C ALA B 412 28.49 -19.71 -32.39
N TYR B 413 27.83 -18.58 -32.66
CA TYR B 413 26.84 -18.54 -33.73
C TYR B 413 27.48 -18.77 -35.10
N LYS B 414 28.75 -18.41 -35.24
CA LYS B 414 29.49 -18.65 -36.46
C LYS B 414 30.16 -20.03 -36.49
N GLY B 415 29.75 -20.94 -35.59
CA GLY B 415 30.25 -22.30 -35.58
C GLY B 415 31.50 -22.51 -34.74
N GLU B 416 32.17 -21.45 -34.31
CA GLU B 416 33.32 -21.59 -33.44
C GLU B 416 32.86 -22.14 -32.10
N LYS B 417 33.30 -23.35 -31.75
CA LYS B 417 32.87 -23.95 -30.49
C LYS B 417 33.57 -23.25 -29.32
N VAL B 418 32.79 -22.46 -28.58
CA VAL B 418 33.25 -21.79 -27.37
C VAL B 418 32.10 -21.88 -26.38
N ASN B 419 32.44 -22.03 -25.11
CA ASN B 419 31.43 -22.14 -24.06
C ASN B 419 31.15 -20.74 -23.51
N TYR B 420 30.09 -20.11 -24.03
CA TYR B 420 29.74 -18.76 -23.62
C TYR B 420 29.10 -18.70 -22.25
N ILE B 421 28.55 -19.82 -21.75
CA ILE B 421 27.91 -19.85 -20.44
C ILE B 421 28.98 -19.92 -19.36
N LYS B 422 28.91 -19.00 -18.40
CA LYS B 422 29.91 -18.85 -17.36
C LYS B 422 29.46 -19.39 -16.01
N GLN B 423 28.18 -19.21 -15.65
CA GLN B 423 27.67 -19.65 -14.36
C GLN B 423 26.15 -19.72 -14.43
N LYS B 424 25.56 -20.63 -13.67
CA LYS B 424 24.13 -20.64 -13.42
C LYS B 424 23.90 -20.60 -11.92
N LEU B 425 23.11 -19.63 -11.45
CA LEU B 425 22.81 -19.47 -10.03
C LEU B 425 21.34 -19.79 -9.78
N ASP B 426 21.07 -20.72 -8.86
CA ASP B 426 19.68 -21.04 -8.56
C ASP B 426 19.02 -19.88 -7.85
N VAL B 427 17.80 -19.55 -8.26
CA VAL B 427 16.97 -18.55 -7.60
C VAL B 427 15.65 -19.20 -7.15
N HIS B 428 14.91 -18.47 -6.32
CA HIS B 428 13.81 -19.08 -5.53
C HIS B 428 12.58 -18.19 -5.49
N TYR B 429 11.63 -18.38 -6.41
CA TYR B 429 11.68 -19.38 -7.47
C TYR B 429 10.95 -18.80 -8.67
N GLN B 430 11.34 -19.23 -9.87
CA GLN B 430 10.66 -18.85 -11.12
C GLN B 430 10.86 -17.36 -11.40
N PRO B 431 12.06 -16.97 -11.81
CA PRO B 431 12.34 -15.54 -12.01
C PRO B 431 11.72 -14.99 -13.29
N GLY B 432 11.25 -13.75 -13.21
CA GLY B 432 10.75 -13.03 -14.35
C GLY B 432 11.80 -12.10 -14.92
N HIS B 433 11.75 -10.86 -14.49
CA HIS B 433 12.74 -9.85 -14.92
C HIS B 433 13.95 -9.82 -13.97
N LEU B 434 15.02 -9.21 -14.43
CA LEU B 434 16.17 -9.00 -13.57
C LEU B 434 16.84 -7.70 -13.99
N HIS B 435 17.58 -7.10 -13.06
CA HIS B 435 18.11 -5.76 -13.29
C HIS B 435 19.44 -5.61 -12.58
N ALA B 436 20.50 -5.30 -13.35
CA ALA B 436 21.81 -4.97 -12.81
C ALA B 436 21.95 -3.45 -12.74
N SER B 437 22.73 -2.99 -11.75
CA SER B 437 22.80 -1.56 -11.46
C SER B 437 23.35 -0.77 -12.65
N LEU B 438 22.57 0.23 -13.10
CA LEU B 438 22.87 1.10 -14.22
C LEU B 438 22.93 0.37 -15.56
N CYS B 439 22.26 -0.79 -15.65
CA CYS B 439 22.32 -1.62 -16.88
C CYS B 439 21.75 -0.91 -18.09
N GLU B 440 20.83 0.04 -17.90
CA GLU B 440 20.18 0.72 -19.02
C GLU B 440 20.97 1.91 -19.53
N THR B 441 22.20 2.10 -19.05
CA THR B 441 23.02 3.24 -19.40
C THR B 441 24.41 2.75 -19.79
N ASN B 442 25.19 3.64 -20.40
CA ASN B 442 26.57 3.30 -20.72
C ASN B 442 27.48 3.39 -19.50
N GLU B 443 26.90 3.56 -18.31
CA GLU B 443 27.63 3.53 -17.04
C GLU B 443 27.40 2.25 -16.26
N ALA B 444 26.80 1.23 -16.86
CA ALA B 444 26.60 -0.08 -16.24
C ALA B 444 27.80 -0.45 -15.37
N ASP B 445 27.58 -0.53 -14.06
CA ASP B 445 28.70 -0.57 -13.13
C ASP B 445 29.02 -1.96 -12.61
N GLY B 446 28.18 -2.95 -12.92
CA GLY B 446 28.47 -4.33 -12.60
C GLY B 446 28.56 -4.67 -11.13
N LYS B 447 27.83 -3.97 -10.26
CA LYS B 447 27.92 -4.22 -8.83
C LYS B 447 26.79 -5.11 -8.31
N TRP B 448 25.53 -4.71 -8.50
CA TRP B 448 24.40 -5.41 -7.90
C TRP B 448 23.45 -5.90 -8.97
N LEU B 449 22.80 -7.03 -8.70
CA LEU B 449 21.78 -7.58 -9.58
C LEU B 449 20.60 -8.00 -8.72
N VAL B 450 19.39 -7.64 -9.17
CA VAL B 450 18.16 -8.07 -8.51
C VAL B 450 17.43 -8.98 -9.48
N ALA B 451 17.11 -10.19 -9.03
CA ALA B 451 16.27 -11.11 -9.79
C ALA B 451 14.91 -11.16 -9.09
N LEU B 452 13.85 -11.02 -9.85
CA LEU B 452 12.52 -10.82 -9.29
C LEU B 452 11.70 -12.07 -9.56
N SER B 453 11.54 -12.92 -8.55
CA SER B 453 11.00 -14.27 -8.72
C SER B 453 9.54 -14.37 -8.26
N LYS B 454 8.76 -15.16 -8.98
CA LYS B 454 7.28 -15.17 -8.84
C LYS B 454 6.71 -16.13 -7.81
N PHE B 455 7.48 -17.08 -7.33
CA PHE B 455 6.99 -18.05 -6.33
C PHE B 455 7.99 -18.11 -5.19
N SER B 456 7.60 -17.65 -4.01
CA SER B 456 8.53 -17.69 -2.89
C SER B 456 8.41 -18.94 -2.04
N LYS B 457 7.29 -19.68 -2.13
CA LYS B 457 7.17 -20.97 -1.45
C LYS B 457 7.63 -20.92 0.01
N ASP B 458 8.73 -21.61 0.33
CA ASP B 458 9.19 -21.76 1.70
C ASP B 458 10.30 -20.78 2.09
N ARG B 459 10.52 -19.71 1.32
CA ARG B 459 11.63 -18.82 1.63
C ARG B 459 11.33 -17.81 2.75
N PHE B 460 10.07 -17.65 3.11
CA PHE B 460 9.66 -16.75 4.19
C PHE B 460 8.63 -17.45 5.06
N LEU B 461 8.40 -16.90 6.25
CA LEU B 461 7.36 -17.44 7.12
C LEU B 461 6.03 -17.56 6.38
N PRO B 462 5.24 -18.58 6.66
CA PRO B 462 3.90 -18.69 6.06
C PRO B 462 3.01 -17.50 6.40
N VAL B 463 2.28 -17.01 5.40
CA VAL B 463 1.36 -15.90 5.64
C VAL B 463 -0.01 -16.13 5.00
N GLY B 464 -0.43 -17.38 4.86
CA GLY B 464 -1.71 -17.68 4.26
C GLY B 464 -1.59 -18.05 2.80
N PRO B 465 -2.72 -18.25 2.13
CA PRO B 465 -2.65 -18.76 0.74
C PRO B 465 -1.91 -17.84 -0.22
N LEU B 466 -1.96 -16.53 -0.01
CA LEU B 466 -1.23 -15.59 -0.86
C LEU B 466 0.18 -15.42 -0.33
N HIS B 467 1.17 -15.64 -1.18
CA HIS B 467 2.57 -15.54 -0.79
C HIS B 467 3.20 -14.25 -1.33
N PRO B 468 4.26 -13.76 -0.70
CA PRO B 468 5.01 -12.65 -1.28
C PRO B 468 5.84 -13.08 -2.48
N GLU B 469 6.24 -12.09 -3.28
CA GLU B 469 7.25 -12.39 -4.27
CA GLU B 469 7.27 -12.27 -4.30
C GLU B 469 8.63 -12.42 -3.61
N ASN B 470 9.59 -12.99 -4.31
CA ASN B 470 10.98 -13.04 -3.81
C ASN B 470 11.90 -12.29 -4.76
N ASP B 471 12.26 -11.07 -4.38
CA ASP B 471 13.23 -10.28 -5.12
C ASP B 471 14.59 -10.44 -4.45
N GLN B 472 15.50 -11.12 -5.13
CA GLN B 472 16.76 -11.55 -4.53
C GLN B 472 17.92 -10.68 -5.00
N LEU B 473 18.70 -10.18 -4.04
CA LEU B 473 19.86 -9.35 -4.34
C LEU B 473 21.07 -10.25 -4.51
N ILE B 474 21.77 -10.06 -5.63
CA ILE B 474 22.89 -10.91 -6.04
C ILE B 474 24.10 -10.01 -6.29
N ASP B 475 25.25 -10.37 -5.71
CA ASP B 475 26.48 -9.62 -5.90
C ASP B 475 27.12 -10.10 -7.20
N ILE B 476 27.31 -9.18 -8.14
CA ILE B 476 27.94 -9.51 -9.42
C ILE B 476 29.26 -8.78 -9.62
N SER B 477 29.83 -8.24 -8.53
CA SER B 477 31.06 -7.47 -8.64
C SER B 477 32.26 -8.35 -9.03
N GLY B 478 32.20 -9.65 -8.71
CA GLY B 478 33.24 -10.58 -9.05
C GLY B 478 32.82 -11.52 -10.16
N ASP B 479 33.71 -12.49 -10.43
CA ASP B 479 33.42 -13.49 -11.46
C ASP B 479 32.25 -14.37 -11.09
N GLU B 480 32.02 -14.56 -9.80
CA GLU B 480 31.03 -15.50 -9.29
C GLU B 480 29.85 -14.72 -8.74
N MET B 481 28.64 -15.00 -9.26
CA MET B 481 27.42 -14.42 -8.69
C MET B 481 27.19 -14.96 -7.29
N LYS B 482 26.84 -14.08 -6.36
CA LYS B 482 26.67 -14.45 -4.96
C LYS B 482 25.32 -13.95 -4.47
N LEU B 483 24.45 -14.88 -4.07
CA LEU B 483 23.15 -14.54 -3.51
C LEU B 483 23.34 -13.98 -2.10
N VAL B 484 22.90 -12.75 -1.85
CA VAL B 484 23.12 -12.12 -0.55
C VAL B 484 21.85 -11.89 0.25
N HIS B 485 20.71 -11.62 -0.39
CA HIS B 485 19.52 -11.22 0.36
C HIS B 485 18.26 -11.67 -0.37
N ASP B 486 17.29 -12.18 0.39
CA ASP B 486 15.98 -12.52 -0.13
C ASP B 486 15.02 -11.44 0.33
N GLY B 487 14.45 -10.70 -0.61
CA GLY B 487 13.58 -9.59 -0.26
C GLY B 487 12.14 -9.84 -0.64
N PRO B 488 11.29 -10.10 0.36
CA PRO B 488 9.88 -10.35 0.05
C PRO B 488 9.20 -9.05 -0.35
N THR B 489 8.30 -9.14 -1.34
CA THR B 489 7.58 -7.95 -1.81
C THR B 489 6.13 -8.31 -2.11
N PHE B 490 5.25 -7.31 -1.97
CA PHE B 490 3.83 -7.53 -2.12
C PHE B 490 3.44 -7.27 -3.57
N ALA B 491 2.50 -8.08 -4.09
CA ALA B 491 1.82 -7.76 -5.35
C ALA B 491 2.72 -7.78 -6.57
N GLU B 492 3.78 -8.52 -6.53
CA GLU B 492 4.45 -8.80 -7.78
C GLU B 492 4.98 -7.55 -8.48
N PRO B 493 6.01 -6.95 -7.92
CA PRO B 493 6.86 -6.10 -8.74
C PRO B 493 7.30 -6.92 -9.96
N HIS B 494 7.30 -6.31 -11.12
CA HIS B 494 7.84 -7.13 -12.24
C HIS B 494 9.31 -6.76 -12.42
N ASP B 495 9.53 -5.50 -12.76
CA ASP B 495 10.87 -5.00 -12.95
C ASP B 495 11.14 -3.93 -11.89
N CYS B 496 12.41 -3.55 -11.80
CA CYS B 496 12.81 -2.42 -10.96
C CYS B 496 13.97 -1.72 -11.65
N ILE B 497 14.37 -0.57 -11.11
CA ILE B 497 15.51 0.16 -11.66
C ILE B 497 16.26 0.83 -10.53
N MET B 498 17.57 0.74 -10.58
CA MET B 498 18.45 1.29 -9.56
C MET B 498 19.14 2.55 -10.10
N ALA B 499 19.48 3.46 -9.18
CA ALA B 499 20.26 4.65 -9.52
C ALA B 499 21.20 4.92 -8.37
N ARG B 500 22.42 5.38 -8.70
CA ARG B 500 23.35 5.78 -7.66
C ARG B 500 22.73 6.88 -6.81
N ARG B 501 23.14 6.93 -5.54
CA ARG B 501 22.64 7.99 -4.66
C ARG B 501 22.88 9.37 -5.25
N ASP B 502 24.03 9.57 -5.88
CA ASP B 502 24.32 10.89 -6.45
C ASP B 502 23.64 11.16 -7.79
N GLN B 503 22.79 10.26 -8.27
CA GLN B 503 22.01 10.50 -9.46
C GLN B 503 20.62 11.03 -9.17
N ILE B 504 20.22 11.11 -7.92
CA ILE B 504 18.89 11.55 -7.54
C ILE B 504 19.04 12.71 -6.58
N LYS B 505 18.35 13.82 -6.87
CA LYS B 505 18.41 15.03 -6.05
C LYS B 505 16.98 15.41 -5.69
N THR B 506 16.65 15.35 -4.40
CA THR B 506 15.27 15.55 -3.97
C THR B 506 15.12 16.85 -3.20
N LYS B 507 13.90 17.37 -3.22
CA LYS B 507 13.56 18.59 -2.50
C LYS B 507 13.16 18.22 -1.09
N LYS B 508 13.60 19.02 -0.14
CA LYS B 508 13.15 18.76 1.23
C LYS B 508 11.91 19.55 1.60
N ILE B 509 11.58 20.57 0.82
CA ILE B 509 10.49 21.51 1.09
C ILE B 509 9.89 21.85 -0.26
N TRP B 510 8.58 22.03 -0.32
CA TRP B 510 7.95 22.35 -1.59
C TRP B 510 8.25 23.79 -2.01
N ASP B 511 8.36 23.99 -3.33
CA ASP B 511 8.36 25.34 -3.87
C ASP B 511 6.93 25.83 -4.02
N ARG B 512 6.71 27.10 -3.65
CA ARG B 512 5.35 27.65 -3.63
C ARG B 512 4.74 27.75 -5.04
N ASN B 513 5.55 27.79 -6.09
CA ASN B 513 5.05 27.85 -7.46
C ASN B 513 5.04 26.49 -8.15
N ASP B 514 5.15 25.40 -7.40
CA ASP B 514 5.26 24.09 -8.02
C ASP B 514 4.04 23.78 -8.88
N PRO B 515 4.22 23.31 -10.12
CA PRO B 515 3.07 23.01 -10.98
C PRO B 515 2.13 21.94 -10.41
N PHE B 516 2.58 21.13 -9.45
CA PHE B 516 1.71 20.11 -8.87
C PHE B 516 0.41 20.72 -8.34
N PHE B 517 0.47 21.92 -7.76
CA PHE B 517 -0.73 22.55 -7.21
C PHE B 517 -1.02 23.94 -7.79
N ALA B 518 -0.38 24.30 -8.89
CA ALA B 518 -0.68 25.59 -9.51
C ALA B 518 -2.15 25.77 -9.87
N PRO B 519 -2.89 24.75 -10.33
CA PRO B 519 -4.32 24.95 -10.58
C PRO B 519 -5.09 25.40 -9.35
N THR B 520 -4.73 24.84 -8.19
CA THR B 520 -5.32 25.25 -6.92
C THR B 520 -4.99 26.71 -6.59
N VAL B 521 -3.75 27.14 -6.84
CA VAL B 521 -3.40 28.55 -6.66
C VAL B 521 -4.25 29.44 -7.55
N GLU B 522 -4.47 29.01 -8.80
CA GLU B 522 -5.31 29.75 -9.72
C GLU B 522 -6.73 29.91 -9.18
N MET B 523 -7.32 28.79 -8.70
CA MET B 523 -8.63 28.84 -8.07
C MET B 523 -8.64 29.80 -6.89
N ALA B 524 -7.59 29.75 -6.07
CA ALA B 524 -7.52 30.64 -4.92
C ALA B 524 -7.50 32.10 -5.36
N LYS B 525 -6.72 32.41 -6.41
CA LYS B 525 -6.62 33.79 -6.88
C LYS B 525 -7.97 34.31 -7.32
N LYS B 526 -8.75 33.45 -7.99
CA LYS B 526 -10.10 33.83 -8.40
C LYS B 526 -10.96 34.22 -7.19
N ASP B 527 -10.67 33.66 -6.01
CA ASP B 527 -11.35 34.04 -4.78
C ASP B 527 -10.63 35.16 -4.03
N GLY B 528 -9.58 35.71 -4.62
CA GLY B 528 -8.82 36.77 -3.96
C GLY B 528 -7.99 36.30 -2.79
N ILE B 529 -7.66 35.03 -2.75
CA ILE B 529 -6.96 34.44 -1.61
C ILE B 529 -5.46 34.51 -1.83
N ASN B 530 -4.72 34.83 -0.76
CA ASN B 530 -3.28 34.65 -0.70
C ASN B 530 -3.03 33.42 0.17
N LEU B 531 -2.68 32.30 -0.48
CA LEU B 531 -2.63 31.01 0.22
C LEU B 531 -1.60 30.98 1.34
N ASP B 532 -0.54 31.78 1.23
CA ASP B 532 0.51 31.77 2.24
C ASP B 532 0.07 32.36 3.57
N THR B 533 -1.03 33.10 3.60
CA THR B 533 -1.43 33.81 4.81
C THR B 533 -2.89 33.65 5.20
N ASP B 534 -3.78 33.32 4.27
CA ASP B 534 -5.20 33.52 4.49
C ASP B 534 -5.88 32.37 5.24
N ASN B 535 -6.81 32.73 6.11
CA ASN B 535 -7.64 31.77 6.82
C ASN B 535 -9.05 32.30 6.68
N LYS B 536 -9.77 31.84 5.64
CA LYS B 536 -11.03 32.42 5.23
C LYS B 536 -11.98 31.33 4.77
N VAL B 537 -13.28 31.59 4.89
CA VAL B 537 -14.29 30.70 4.35
C VAL B 537 -15.02 31.48 3.28
N ILE B 538 -14.96 30.99 2.04
CA ILE B 538 -15.55 31.64 0.88
C ILE B 538 -16.84 30.91 0.57
N ARG B 539 -17.93 31.64 0.42
CA ARG B 539 -19.21 31.01 0.10
C ARG B 539 -19.64 31.36 -1.32
N ASP B 540 -20.21 30.38 -2.00
CA ASP B 540 -20.56 30.51 -3.42
C ASP B 540 -21.73 29.54 -3.67
N GLY B 541 -22.94 30.02 -3.39
CA GLY B 541 -24.13 29.20 -3.51
C GLY B 541 -24.10 28.00 -2.59
N ASN B 542 -24.22 26.80 -3.16
CA ASN B 542 -24.08 25.56 -2.41
C ASN B 542 -22.64 25.04 -2.38
N LYS B 543 -21.67 25.84 -2.80
CA LYS B 543 -20.26 25.51 -2.67
C LYS B 543 -19.65 26.35 -1.56
N VAL B 544 -18.79 25.72 -0.76
CA VAL B 544 -18.05 26.40 0.29
C VAL B 544 -16.59 26.07 0.07
N ARG B 545 -15.76 27.09 0.01
CA ARG B 545 -14.33 26.93 -0.24
C ARG B 545 -13.59 27.46 0.98
N VAL B 546 -13.04 26.54 1.78
CA VAL B 546 -12.31 26.89 2.99
C VAL B 546 -10.83 26.94 2.64
N TYR B 547 -10.17 28.07 2.96
CA TYR B 547 -8.74 28.22 2.76
C TYR B 547 -8.08 28.45 4.10
N MET B 548 -7.05 27.67 4.41
CA MET B 548 -6.38 27.86 5.68
C MET B 548 -4.90 27.56 5.54
N THR B 549 -4.10 28.21 6.40
CA THR B 549 -2.73 27.78 6.65
C THR B 549 -2.75 26.78 7.79
N SER B 550 -1.66 26.02 7.90
CA SER B 550 -1.51 25.10 9.02
C SER B 550 -0.08 25.17 9.53
N MET B 551 0.07 25.13 10.85
CA MET B 551 1.37 25.25 11.50
C MET B 551 1.25 24.48 12.79
N ALA B 552 2.07 23.44 12.97
CA ALA B 552 1.82 22.50 14.06
C ALA B 552 1.85 23.25 15.39
N PRO B 553 0.94 22.94 16.32
CA PRO B 553 -0.12 21.94 16.17
C PRO B 553 -1.53 22.54 15.98
N ALA B 554 -1.72 23.45 15.03
CA ALA B 554 -3.00 24.14 14.90
C ALA B 554 -3.38 24.33 13.43
N PHE B 555 -4.62 23.99 13.10
CA PHE B 555 -5.22 24.40 11.84
C PHE B 555 -5.54 25.88 11.91
N GLY B 556 -5.32 26.60 10.80
CA GLY B 556 -5.56 28.03 10.81
C GLY B 556 -7.03 28.39 10.83
N VAL B 557 -7.88 27.49 10.31
CA VAL B 557 -9.32 27.59 10.47
C VAL B 557 -9.72 26.37 11.27
N GLN B 558 -10.17 26.60 12.50
CA GLN B 558 -10.48 25.54 13.46
C GLN B 558 -11.95 25.19 13.50
N GLU B 559 -12.81 25.97 12.85
CA GLU B 559 -14.22 25.62 12.77
C GLU B 559 -14.84 26.40 11.62
N PHE B 560 -15.83 25.77 10.98
CA PHE B 560 -16.64 26.49 10.01
C PHE B 560 -18.00 25.81 9.94
N THR B 561 -19.00 26.58 9.48
CA THR B 561 -20.38 26.14 9.44
C THR B 561 -20.89 26.18 7.99
N VAL B 562 -21.60 25.11 7.60
CA VAL B 562 -22.16 24.97 6.26
C VAL B 562 -23.61 24.49 6.41
N LYS B 563 -24.33 24.49 5.28
CA LYS B 563 -25.66 23.88 5.20
C LYS B 563 -25.56 22.43 4.74
N GLN B 564 -26.49 21.60 5.20
CA GLN B 564 -26.53 20.22 4.75
C GLN B 564 -26.64 20.18 3.22
N GLY B 565 -25.77 19.38 2.60
CA GLY B 565 -25.73 19.24 1.17
C GLY B 565 -24.72 20.13 0.46
N ASP B 566 -24.11 21.07 1.18
CA ASP B 566 -23.09 21.93 0.57
C ASP B 566 -21.92 21.09 0.07
N GLU B 567 -21.35 21.50 -1.05
CA GLU B 567 -20.10 20.91 -1.54
C GLU B 567 -18.94 21.73 -0.98
N VAL B 568 -18.14 21.09 -0.13
CA VAL B 568 -17.11 21.76 0.63
C VAL B 568 -15.76 21.41 0.02
N THR B 569 -14.98 22.43 -0.31
CA THR B 569 -13.58 22.24 -0.66
C THR B 569 -12.72 22.80 0.46
N VAL B 570 -11.79 22.01 0.97
CA VAL B 570 -10.86 22.47 1.98
C VAL B 570 -9.47 22.51 1.36
N THR B 571 -8.86 23.69 1.34
CA THR B 571 -7.53 23.91 0.82
C THR B 571 -6.63 24.34 1.97
N ILE B 572 -5.52 23.63 2.17
CA ILE B 572 -4.66 23.84 3.33
C ILE B 572 -3.25 24.05 2.80
N THR B 573 -2.59 25.09 3.28
CA THR B 573 -1.20 25.36 2.93
C THR B 573 -0.37 25.20 4.20
N ASN B 574 0.55 24.25 4.18
CA ASN B 574 1.40 23.96 5.34
C ASN B 574 2.50 25.01 5.35
N ILE B 575 2.44 25.92 6.32
CA ILE B 575 3.42 27.01 6.39
C ILE B 575 4.56 26.73 7.36
N ASP B 576 4.67 25.50 7.88
CA ASP B 576 5.88 25.12 8.59
C ASP B 576 7.04 25.07 7.60
N GLN B 577 8.24 25.47 8.06
CA GLN B 577 9.44 25.40 7.25
C GLN B 577 10.39 24.29 7.66
N ILE B 578 10.16 23.65 8.81
CA ILE B 578 11.01 22.56 9.26
C ILE B 578 10.75 21.34 8.38
N GLU B 579 11.81 20.80 7.76
CA GLU B 579 11.70 19.54 7.05
C GLU B 579 11.08 18.49 7.95
N ASP B 580 10.33 17.57 7.33
CA ASP B 580 9.72 16.40 7.97
C ASP B 580 8.46 16.75 8.76
N VAL B 581 8.06 18.01 8.84
CA VAL B 581 6.86 18.38 9.63
C VAL B 581 5.68 18.38 8.67
N SER B 582 5.21 17.18 8.34
CA SER B 582 4.01 17.03 7.53
C SER B 582 2.77 17.12 8.40
N HIS B 583 1.69 17.64 7.81
CA HIS B 583 0.36 17.61 8.41
C HIS B 583 -0.55 16.74 7.56
N GLY B 584 -1.67 16.38 8.18
CA GLY B 584 -2.73 15.67 7.50
C GLY B 584 -4.05 16.34 7.80
N PHE B 585 -5.09 15.85 7.13
CA PHE B 585 -6.43 16.39 7.28
C PHE B 585 -7.39 15.26 6.98
N VAL B 586 -8.19 14.89 7.98
CA VAL B 586 -9.20 13.84 7.85
C VAL B 586 -10.50 14.39 8.40
N VAL B 587 -11.58 14.22 7.65
CA VAL B 587 -12.91 14.54 8.16
C VAL B 587 -13.59 13.24 8.59
N VAL B 588 -13.87 13.11 9.88
CA VAL B 588 -14.38 11.86 10.43
C VAL B 588 -15.67 11.47 9.71
N ASN B 589 -15.73 10.22 9.25
CA ASN B 589 -16.95 9.62 8.74
C ASN B 589 -17.41 10.20 7.41
N HIS B 590 -16.51 10.90 6.70
CA HIS B 590 -16.80 11.45 5.38
C HIS B 590 -15.91 10.90 4.28
N GLY B 591 -14.99 9.99 4.60
CA GLY B 591 -14.12 9.43 3.59
C GLY B 591 -13.11 10.41 3.03
N VAL B 592 -12.60 11.32 3.88
CA VAL B 592 -11.77 12.45 3.45
C VAL B 592 -10.41 12.35 4.16
N SER B 593 -9.32 12.37 3.37
CA SER B 593 -7.99 12.20 3.94
C SER B 593 -6.96 12.75 2.96
N MET B 594 -5.98 13.53 3.45
CA MET B 594 -4.87 13.95 2.59
C MET B 594 -3.67 14.38 3.44
N GLU B 595 -2.51 14.42 2.78
CA GLU B 595 -1.24 14.89 3.34
C GLU B 595 -1.00 16.33 2.88
N ILE B 596 -0.41 17.15 3.75
CA ILE B 596 0.12 18.46 3.35
C ILE B 596 1.52 18.58 3.94
N SER B 597 2.53 18.46 3.10
CA SER B 597 3.93 18.55 3.54
C SER B 597 4.39 20.00 3.58
N PRO B 598 5.57 20.28 4.17
CA PRO B 598 5.98 21.69 4.33
C PRO B 598 5.97 22.45 3.03
N GLN B 599 5.28 23.59 3.03
CA GLN B 599 5.15 24.53 1.92
C GLN B 599 4.29 24.02 0.78
N GLN B 600 3.62 22.88 0.95
CA GLN B 600 2.66 22.40 -0.03
C GLN B 600 1.31 23.06 0.19
N THR B 601 0.54 23.21 -0.89
CA THR B 601 -0.91 23.42 -0.82
C THR B 601 -1.62 22.19 -1.37
N SER B 602 -2.57 21.64 -0.61
CA SER B 602 -3.37 20.50 -1.03
C SER B 602 -4.84 20.80 -0.80
N SER B 603 -5.70 20.20 -1.61
CA SER B 603 -7.12 20.48 -1.45
C SER B 603 -7.97 19.24 -1.72
N ILE B 604 -9.16 19.23 -1.13
CA ILE B 604 -10.04 18.08 -1.26
C ILE B 604 -11.47 18.57 -1.17
N THR B 605 -12.35 17.89 -1.90
CA THR B 605 -13.75 18.30 -2.04
C THR B 605 -14.65 17.13 -1.66
N PHE B 606 -15.71 17.43 -0.93
CA PHE B 606 -16.62 16.42 -0.40
C PHE B 606 -17.96 17.08 -0.11
N VAL B 607 -19.00 16.27 -0.01
CA VAL B 607 -20.35 16.79 0.28
C VAL B 607 -20.62 16.64 1.77
N ALA B 608 -21.11 17.72 2.39
CA ALA B 608 -21.47 17.69 3.81
C ALA B 608 -22.88 17.13 3.88
N ASP B 609 -22.99 15.81 3.74
CA ASP B 609 -24.28 15.16 3.60
C ASP B 609 -24.94 14.83 4.94
N LYS B 610 -24.29 15.10 6.07
CA LYS B 610 -24.81 14.70 7.37
C LYS B 610 -24.91 15.94 8.27
N PRO B 611 -26.08 16.24 8.82
CA PRO B 611 -26.19 17.37 9.75
C PRO B 611 -25.39 17.09 11.01
N GLY B 612 -25.15 18.14 11.76
CA GLY B 612 -24.55 18.03 13.08
C GLY B 612 -23.10 18.46 13.08
N LEU B 613 -22.43 18.14 14.19
CA LEU B 613 -21.03 18.49 14.35
C LEU B 613 -20.15 17.33 13.86
N HIS B 614 -19.13 17.65 13.06
CA HIS B 614 -18.26 16.64 12.46
C HIS B 614 -16.81 17.07 12.65
N TRP B 615 -16.07 16.26 13.41
CA TRP B 615 -14.69 16.61 13.70
C TRP B 615 -13.79 16.38 12.50
N TYR B 616 -12.80 17.26 12.36
CA TYR B 616 -11.65 16.96 11.52
C TYR B 616 -10.38 16.99 12.36
N TYR B 617 -9.36 16.28 11.89
CA TYR B 617 -8.13 16.18 12.68
C TYR B 617 -6.92 16.00 11.76
N CYS B 618 -5.74 16.26 12.33
CA CYS B 618 -4.47 16.11 11.63
C CYS B 618 -4.01 14.66 11.78
N SER B 619 -3.81 13.97 10.65
CA SER B 619 -3.45 12.56 10.68
C SER B 619 -1.95 12.29 10.76
N TRP B 620 -1.10 13.29 10.56
CA TRP B 620 0.35 13.08 10.51
C TRP B 620 0.97 13.57 11.82
N PHE B 621 1.58 12.63 12.56
CA PHE B 621 2.16 13.01 13.85
C PHE B 621 3.18 14.12 13.64
N CYS B 622 2.87 15.31 14.15
CA CYS B 622 3.61 16.51 13.78
C CYS B 622 4.22 17.25 14.96
N HIS B 623 3.91 16.86 16.20
CA HIS B 623 4.13 17.72 17.36
C HIS B 623 3.70 16.92 18.59
N ALA B 624 4.20 17.33 19.77
CA ALA B 624 3.77 16.67 20.99
C ALA B 624 2.27 16.86 21.23
N LEU B 625 1.70 17.95 20.70
CA LEU B 625 0.27 18.22 20.79
C LEU B 625 -0.49 17.81 19.54
N HIS B 626 0.00 16.80 18.82
CA HIS B 626 -0.63 16.35 17.58
C HIS B 626 -2.05 15.83 17.82
N MET B 627 -2.28 15.17 18.97
CA MET B 627 -3.61 14.58 19.26
C MET B 627 -4.65 15.71 19.36
N GLU B 628 -4.18 16.91 19.67
CA GLU B 628 -5.05 18.06 19.88
C GLU B 628 -5.12 19.01 18.67
N MET B 629 -4.52 18.65 17.53
CA MET B 629 -4.62 19.47 16.33
C MET B 629 -5.87 19.06 15.58
N VAL B 630 -7.00 19.68 15.93
CA VAL B 630 -8.32 19.28 15.46
C VAL B 630 -9.14 20.52 15.12
N GLY B 631 -10.31 20.28 14.52
CA GLY B 631 -11.27 21.30 14.15
C GLY B 631 -12.67 20.71 14.02
N ARG B 632 -13.65 21.59 13.81
CA ARG B 632 -15.04 21.15 13.77
C ARG B 632 -15.75 21.78 12.59
N MET B 633 -16.42 20.96 11.80
CA MET B 633 -17.35 21.44 10.77
C MET B 633 -18.75 21.28 11.33
N MET B 634 -19.51 22.36 11.34
CA MET B 634 -20.88 22.32 11.85
C MET B 634 -21.83 22.41 10.65
N VAL B 635 -22.73 21.43 10.53
CA VAL B 635 -23.59 21.29 9.35
C VAL B 635 -25.03 21.56 9.80
N GLU B 636 -25.58 22.66 9.34
CA GLU B 636 -26.94 23.01 9.73
C GLU B 636 -27.93 22.12 8.98
N PRO B 637 -28.99 21.67 9.63
CA PRO B 637 -29.85 20.64 9.04
C PRO B 637 -30.65 21.16 7.85
N ALA B 638 -30.91 20.25 6.90
CA ALA B 638 -31.62 20.60 5.67
C ALA B 638 -33.01 21.16 5.95
N TRP B 639 -33.70 20.63 6.96
CA TRP B 639 -35.03 21.14 7.27
C TRP B 639 -35.02 22.59 7.72
N SER B 640 -33.87 23.17 8.07
CA SER B 640 -33.81 24.58 8.44
C SER B 640 -33.39 25.49 7.29
N HIS B 641 -33.26 24.95 6.09
CA HIS B 641 -32.82 25.70 4.92
C HIS B 641 -33.76 25.47 3.75
N PRO B 642 -33.75 26.35 2.74
CA PRO B 642 -34.66 26.19 1.60
C PRO B 642 -34.64 24.76 1.06
N GLN B 643 -35.85 24.19 0.94
CA GLN B 643 -36.01 22.86 0.36
C GLN B 643 -35.93 23.06 -1.14
CU1 K7E C . 0.11 7.40 20.38
CU2 K7E C . -3.40 6.54 17.96
CU3 K7E C . -1.79 4.75 19.44
CU4 K7E C . -0.58 6.46 17.62
S1 K7E C . -1.89 6.96 19.46
S2 K7E C . 1.59 7.16 18.01
C1 B3P D . -15.60 -2.37 -10.69
C2 B3P D . -16.04 -2.33 -9.18
C3 B3P D . -15.16 -0.98 -11.20
N1 B3P D . -16.19 0.06 -10.93
C4 B3P D . -15.65 1.46 -10.98
C5 B3P D . -14.53 1.62 -12.02
C6 B3P D . -16.82 2.34 -11.40
C7 B3P D . -15.18 1.95 -9.60
N2 B3P D . -17.32 -1.61 -9.04
C8 B3P D . -17.77 -1.44 -7.64
C9 B3P D . -18.35 -2.76 -7.16
C10 B3P D . -18.82 -0.33 -7.61
C11 B3P D . -16.60 -1.03 -6.74
O1 B3P D . -19.30 -3.23 -8.11
O2 B3P D . -19.38 -0.15 -6.33
O3 B3P D . -16.08 0.23 -7.12
O4 B3P D . -15.08 1.54 -13.31
O5 B3P D . -17.89 2.15 -10.50
O6 B3P D . -14.35 1.01 -8.94
NA NA E . -20.17 -6.10 9.82
CA CA F . -6.73 18.01 29.59
K K G . 6.41 10.85 9.90
CL CL H . -1.34 2.66 24.64
CL CL I . 17.22 -6.57 33.01
CU1 CUA J . -3.07 -17.11 -14.25
CU2 CUA J . -0.92 -15.63 -14.66
N PHE K . -34.17 20.92 -1.77
CA PHE K . -34.78 20.99 -3.09
C PHE K . -35.32 19.62 -3.46
O PHE K . -36.01 19.45 -4.47
CB PHE K . -33.76 21.51 -4.13
CG PHE K . -33.43 22.99 -4.02
CD1 PHE K . -32.71 23.49 -2.93
CD2 PHE K . -33.82 23.88 -5.03
CE1 PHE K . -32.40 24.85 -2.83
CE2 PHE K . -33.52 25.24 -4.94
CZ PHE K . -32.80 25.73 -3.85
S1 RUQ L . 6.41 -8.84 -18.18
S2 RUQ L . 7.60 -10.33 -15.05
CU2 RUQ L . 4.87 -7.29 -17.87
CU3 RUQ L . 7.61 -7.00 -17.81
CU4 RUQ L . 6.17 -8.66 -15.87
C1 B3P M . -14.21 12.80 -0.69
C2 B3P M . -15.02 11.52 -0.26
C3 B3P M . -13.48 12.64 -2.06
N1 B3P M . -14.53 12.69 -3.11
C4 B3P M . -14.06 12.46 -4.49
C5 B3P M . -13.07 11.29 -4.58
C6 B3P M . -15.35 12.18 -5.29
C7 B3P M . -13.34 13.70 -5.04
N2 B3P M . -16.07 11.18 -1.26
C8 B3P M . -16.58 9.79 -1.11
C9 B3P M . -15.68 8.74 -1.82
C10 B3P M . -17.94 9.74 -1.77
C11 B3P M . -16.81 9.47 0.35
O1 B3P M . -14.31 9.07 -1.91
O2 B3P M . -17.75 10.04 -3.12
O3 B3P M . -16.21 8.22 0.57
O4 B3P M . -13.67 10.06 -4.26
O5 B3P M . -15.11 12.02 -6.67
O6 B3P M . -14.15 14.82 -4.87
CA CA N . 3.16 -16.90 -31.23
K K O . 3.53 -14.65 -6.66
C FMT P . -3.03 -10.11 -28.51
O1 FMT P . -2.62 -11.05 -27.80
O2 FMT P . -4.22 -9.84 -28.78
CL CL Q . 12.15 -6.53 -21.06
CU1 CUA R . -0.54 18.33 12.56
CU2 CUA R . -0.33 15.97 13.81
#